data_8A4C
#
_entry.id   8A4C
#
_cell.length_a   188.810
_cell.length_b   59.220
_cell.length_c   109.020
_cell.angle_alpha   90.000
_cell.angle_beta   111.900
_cell.angle_gamma   90.000
#
_symmetry.space_group_name_H-M   'C 1 2 1'
#
loop_
_entity.id
_entity.type
_entity.pdbx_description
1 polymer 'Rab15 effector protein'
2 polymer 'Ras-related protein Rab-3B'
3 non-polymer 'PHOSPHOAMINOPHOSPHONIC ACID-GUANYLATE ESTER'
4 non-polymer 'MAGNESIUM ION'
5 water water
#
loop_
_entity_poly.entity_id
_entity_poly.type
_entity_poly.pdbx_seq_one_letter_code
_entity_poly.pdbx_strand_id
1 'polypeptide(L)'
;GHMGQKASQQLALKDSKEVPVVCEVVSEAIVHAAQKLKEYLGFEYPPSKLCPAANTLNEIFLIHFITFCQEKGVDEWLTT
TKMTKHQAFLFGADWIWTFWGSDKQIKLQLAVQTLQMSSPPPVESKPCDLSNPESRVEESSWKKSRFDKLEEFCNLIGED
CLGLFIIFGMPGKPKDIRGVVLDSVKSQMVRSHLPGGKAVAQFVLETEDCVFIKELLRNCLSKKDGLREVGKVYISIL
;
A,C
2 'polypeptide(L)'
;GHMASVTDGKTGVKDASDQNFDYMFKLLIIGNSSVGKTSFLFRYADDTFTPAFVSTVGIDFKVKTVYRHEKRVKLQIWDT
AGQERYRTITTAYYRGAMGFILMYDITNEESFNAVQDWATQIKTYSWDNAQVILVGNKCDMEEERVVPTEKGQLLAEQLG
FDFFEASAKENISVRQAFERLVDAICDKMSDSLDTDPSMLGSSKNTRLSDTPPLLQQNCSC
;
B,D
#
# COMPACT_ATOMS: atom_id res chain seq x y z
N PRO A 20 -4.71 -34.80 -11.95
CA PRO A 20 -3.44 -35.52 -11.94
C PRO A 20 -2.21 -34.63 -12.21
N VAL A 21 -1.80 -34.50 -13.48
CA VAL A 21 -0.50 -33.94 -13.85
C VAL A 21 -0.41 -32.49 -13.42
N VAL A 22 0.58 -32.17 -12.59
CA VAL A 22 0.66 -30.85 -11.96
C VAL A 22 1.29 -29.82 -12.89
N CYS A 23 2.30 -30.23 -13.66
CA CYS A 23 3.11 -29.31 -14.45
C CYS A 23 2.31 -28.70 -15.60
N GLU A 24 1.54 -29.52 -16.32
CA GLU A 24 0.72 -29.04 -17.43
C GLU A 24 -0.35 -28.06 -16.95
N VAL A 25 -0.95 -28.32 -15.77
CA VAL A 25 -1.94 -27.41 -15.20
C VAL A 25 -1.32 -26.11 -14.71
N VAL A 26 -0.13 -26.15 -14.12
CA VAL A 26 0.48 -24.90 -13.68
C VAL A 26 0.86 -24.04 -14.89
N SER A 27 1.34 -24.66 -15.97
CA SER A 27 1.64 -23.90 -17.19
C SER A 27 0.37 -23.35 -17.86
N GLU A 28 -0.70 -24.15 -17.88
CA GLU A 28 -2.00 -23.68 -18.37
C GLU A 28 -2.49 -22.50 -17.55
N ALA A 29 -2.34 -22.56 -16.24
CA ALA A 29 -2.82 -21.50 -15.35
C ALA A 29 -2.01 -20.23 -15.52
N ILE A 30 -0.70 -20.35 -15.74
CA ILE A 30 0.15 -19.19 -16.00
C ILE A 30 -0.25 -18.51 -17.31
N VAL A 31 -0.52 -19.31 -18.35
CA VAL A 31 -0.96 -18.74 -19.63
C VAL A 31 -2.34 -18.07 -19.49
N HIS A 32 -3.26 -18.71 -18.76
CA HIS A 32 -4.59 -18.15 -18.57
C HIS A 32 -4.56 -16.86 -17.76
N ALA A 33 -3.71 -16.80 -16.73
CA ALA A 33 -3.59 -15.60 -15.91
C ALA A 33 -2.93 -14.46 -16.69
N ALA A 34 -1.95 -14.78 -17.54
CA ALA A 34 -1.34 -13.75 -18.38
C ALA A 34 -2.34 -13.19 -19.39
N GLN A 35 -3.15 -14.07 -19.98
CA GLN A 35 -4.17 -13.62 -20.93
C GLN A 35 -5.22 -12.76 -20.26
N LYS A 36 -5.59 -13.09 -19.01
CA LYS A 36 -6.55 -12.27 -18.28
C LYS A 36 -5.93 -10.94 -17.85
N LEU A 37 -4.63 -10.92 -17.54
CA LEU A 37 -3.97 -9.70 -17.11
C LEU A 37 -3.69 -8.75 -18.27
N LYS A 38 -3.62 -9.26 -19.51
CA LYS A 38 -3.33 -8.47 -20.71
C LYS A 38 -4.28 -7.28 -20.87
N GLU A 39 -5.53 -7.41 -20.42
CA GLU A 39 -6.54 -6.36 -20.49
C GLU A 39 -6.11 -5.10 -19.73
N TYR A 40 -5.43 -5.26 -18.59
CA TYR A 40 -5.09 -4.14 -17.73
C TYR A 40 -3.72 -3.54 -17.99
N LEU A 41 -2.90 -4.17 -18.83
CA LEU A 41 -1.56 -3.65 -19.06
C LEU A 41 -1.58 -2.48 -20.04
N GLY A 42 -0.74 -1.48 -19.75
CA GLY A 42 -0.66 -0.30 -20.59
C GLY A 42 -1.73 0.73 -20.38
N PHE A 43 -2.59 0.57 -19.36
CA PHE A 43 -3.62 1.55 -19.09
C PHE A 43 -3.00 2.82 -18.52
N GLU A 44 -3.46 3.96 -19.01
N GLU A 44 -3.38 3.97 -19.08
CA GLU A 44 -3.08 5.26 -18.49
CA GLU A 44 -2.91 5.27 -18.61
C GLU A 44 -4.30 5.93 -17.89
C GLU A 44 -4.02 6.30 -18.78
N TYR A 45 -4.21 6.31 -16.61
N TYR A 45 -4.33 7.02 -17.70
CA TYR A 45 -5.14 7.28 -16.06
CA TYR A 45 -5.30 8.12 -17.74
C TYR A 45 -4.93 8.60 -16.78
C TYR A 45 -4.56 9.41 -17.35
N PRO A 46 -5.97 9.23 -17.31
N PRO A 46 -4.13 10.21 -18.33
CA PRO A 46 -5.79 10.50 -18.07
CA PRO A 46 -3.36 11.44 -18.05
C PRO A 46 -5.30 11.65 -17.19
C PRO A 46 -4.07 12.48 -17.20
N PRO A 47 -5.63 11.73 -15.89
N PRO A 47 -5.41 12.64 -17.23
CA PRO A 47 -4.75 12.49 -14.99
CA PRO A 47 -6.01 13.56 -16.24
C PRO A 47 -3.41 11.78 -14.87
C PRO A 47 -6.06 13.05 -14.80
N SER A 48 -2.32 12.55 -14.97
N SER A 48 -5.48 11.90 -14.49
CA SER A 48 -0.98 12.05 -15.31
CA SER A 48 -5.46 11.37 -13.12
C SER A 48 -0.34 11.08 -14.26
C SER A 48 -4.19 10.54 -12.97
N LYS A 49 -1.05 10.67 -13.22
N LYS A 49 -4.20 9.62 -12.00
CA LYS A 49 -0.71 9.49 -12.43
CA LYS A 49 -3.13 8.65 -11.83
C LYS A 49 -1.19 8.25 -13.18
C LYS A 49 -2.96 7.81 -13.10
N LEU A 50 -0.47 7.94 -14.28
N LEU A 50 -1.76 7.87 -13.68
CA LEU A 50 -0.99 7.12 -15.38
CA LEU A 50 -1.45 7.18 -14.93
C LEU A 50 -0.75 5.62 -15.21
C LEU A 50 -1.53 5.67 -14.77
N CYS A 51 -0.62 5.11 -13.99
CA CYS A 51 -0.43 3.66 -13.90
C CYS A 51 -1.23 3.05 -12.76
N PRO A 52 -1.72 1.83 -12.96
CA PRO A 52 -2.18 1.01 -11.82
C PRO A 52 -1.00 0.47 -11.03
N ALA A 53 -1.27 0.18 -9.76
CA ALA A 53 -0.23 -0.26 -8.84
C ALA A 53 0.27 -1.66 -9.20
N ALA A 54 1.51 -1.94 -8.81
CA ALA A 54 2.10 -3.26 -9.05
C ALA A 54 1.37 -4.34 -8.25
N ASN A 55 0.89 -3.99 -7.05
CA ASN A 55 0.15 -4.95 -6.24
C ASN A 55 -1.18 -5.31 -6.87
N THR A 56 -1.81 -4.37 -7.60
CA THR A 56 -3.06 -4.66 -8.29
C THR A 56 -2.85 -5.68 -9.41
N LEU A 57 -1.78 -5.51 -10.20
CA LEU A 57 -1.49 -6.46 -11.27
C LEU A 57 -1.11 -7.82 -10.71
N ASN A 58 -0.33 -7.83 -9.63
CA ASN A 58 0.02 -9.08 -8.95
C ASN A 58 -1.22 -9.81 -8.43
N GLU A 59 -2.15 -9.07 -7.82
CA GLU A 59 -3.34 -9.70 -7.27
C GLU A 59 -4.28 -10.21 -8.36
N ILE A 60 -4.37 -9.48 -9.48
CA ILE A 60 -5.20 -9.96 -10.61
C ILE A 60 -4.63 -11.25 -11.17
N PHE A 61 -3.30 -11.27 -11.38
CA PHE A 61 -2.62 -12.47 -11.87
C PHE A 61 -2.82 -13.65 -10.92
N LEU A 62 -2.66 -13.41 -9.62
CA LEU A 62 -2.77 -14.48 -8.64
C LEU A 62 -4.20 -14.98 -8.51
N ILE A 63 -5.20 -14.08 -8.60
CA ILE A 63 -6.61 -14.50 -8.50
C ILE A 63 -6.98 -15.41 -9.66
N HIS A 64 -6.58 -15.04 -10.87
CA HIS A 64 -6.90 -15.87 -12.03
C HIS A 64 -6.14 -17.20 -12.00
N PHE A 65 -4.87 -17.18 -11.57
CA PHE A 65 -4.08 -18.39 -11.45
C PHE A 65 -4.67 -19.36 -10.44
N ILE A 66 -5.01 -18.85 -9.25
CA ILE A 66 -5.51 -19.68 -8.16
C ILE A 66 -6.88 -20.24 -8.50
N THR A 67 -7.74 -19.46 -9.16
CA THR A 67 -9.06 -19.98 -9.56
C THR A 67 -8.92 -21.08 -10.62
N PHE A 68 -7.98 -20.91 -11.56
CA PHE A 68 -7.72 -21.95 -12.56
C PHE A 68 -7.21 -23.23 -11.89
N CYS A 69 -6.28 -23.09 -10.94
CA CYS A 69 -5.73 -24.26 -10.26
C CYS A 69 -6.78 -24.95 -9.39
N GLN A 70 -7.70 -24.19 -8.80
CA GLN A 70 -8.77 -24.78 -8.00
C GLN A 70 -9.76 -25.53 -8.88
N GLU A 71 -10.05 -25.00 -10.07
CA GLU A 71 -11.00 -25.67 -10.97
C GLU A 71 -10.49 -27.00 -11.49
N LYS A 72 -9.17 -27.15 -11.61
CA LYS A 72 -8.56 -28.38 -12.11
C LYS A 72 -8.18 -29.37 -11.02
N GLY A 73 -8.46 -29.06 -9.75
CA GLY A 73 -8.19 -29.98 -8.66
C GLY A 73 -6.72 -30.25 -8.38
N VAL A 74 -5.87 -29.24 -8.52
CA VAL A 74 -4.43 -29.41 -8.36
C VAL A 74 -3.92 -28.76 -7.08
N ASP A 75 -4.84 -28.27 -6.22
CA ASP A 75 -4.49 -27.63 -4.95
C ASP A 75 -3.79 -28.57 -3.97
N GLU A 76 -3.93 -29.89 -4.14
CA GLU A 76 -3.25 -30.81 -3.23
C GLU A 76 -1.75 -30.85 -3.47
N TRP A 77 -1.31 -30.57 -4.69
CA TRP A 77 0.12 -30.62 -5.05
C TRP A 77 0.68 -29.26 -5.45
N LEU A 78 -0.04 -28.18 -5.20
CA LEU A 78 0.42 -26.84 -5.55
C LEU A 78 -0.04 -25.87 -4.47
N THR A 79 0.88 -25.08 -3.95
CA THR A 79 0.55 -24.09 -2.93
C THR A 79 1.03 -22.72 -3.38
N THR A 80 0.11 -21.76 -3.42
CA THR A 80 0.44 -20.38 -3.72
C THR A 80 0.44 -19.60 -2.41
N THR A 81 1.58 -19.00 -2.08
CA THR A 81 1.68 -18.14 -0.90
C THR A 81 2.02 -16.73 -1.38
N LYS A 82 1.07 -15.81 -1.24
CA LYS A 82 1.34 -14.42 -1.53
C LYS A 82 2.06 -13.81 -0.34
N MET A 83 3.23 -13.25 -0.58
CA MET A 83 4.02 -12.65 0.48
C MET A 83 3.36 -11.40 1.01
N THR A 84 3.48 -11.18 2.31
CA THR A 84 3.05 -9.92 2.90
C THR A 84 4.01 -8.81 2.51
N LYS A 85 3.66 -7.59 2.91
CA LYS A 85 4.45 -6.41 2.59
C LYS A 85 5.82 -6.49 3.23
N HIS A 86 5.88 -6.95 4.48
CA HIS A 86 7.15 -7.22 5.15
C HIS A 86 7.92 -8.32 4.44
N GLN A 87 7.24 -9.41 4.08
CA GLN A 87 7.89 -10.53 3.43
C GLN A 87 8.36 -10.17 2.01
N ALA A 88 7.56 -9.40 1.29
CA ALA A 88 7.98 -8.94 -0.03
C ALA A 88 9.16 -7.98 0.07
N PHE A 89 9.22 -7.19 1.14
CA PHE A 89 10.40 -6.34 1.31
C PHE A 89 11.64 -7.17 1.63
N LEU A 90 11.52 -8.13 2.56
CA LEU A 90 12.68 -8.86 3.04
C LEU A 90 13.22 -9.84 1.99
N PHE A 91 12.34 -10.56 1.33
CA PHE A 91 12.78 -11.66 0.47
C PHE A 91 13.01 -11.24 -0.96
N GLY A 92 12.55 -10.05 -1.35
CA GLY A 92 12.63 -9.65 -2.75
C GLY A 92 11.73 -10.43 -3.67
N ALA A 93 10.72 -11.10 -3.14
CA ALA A 93 9.83 -11.95 -3.91
C ALA A 93 8.39 -11.49 -3.68
N ASP A 94 7.59 -11.57 -4.73
CA ASP A 94 6.19 -11.17 -4.63
C ASP A 94 5.28 -12.35 -4.26
N TRP A 95 5.59 -13.57 -4.73
CA TRP A 95 4.89 -14.74 -4.20
C TRP A 95 5.77 -15.97 -4.34
N ILE A 96 5.31 -17.06 -3.71
CA ILE A 96 6.01 -18.35 -3.73
C ILE A 96 5.05 -19.40 -4.28
N TRP A 97 5.53 -20.19 -5.24
CA TRP A 97 4.84 -21.39 -5.72
C TRP A 97 5.57 -22.60 -5.16
N THR A 98 4.88 -23.39 -4.34
CA THR A 98 5.44 -24.60 -3.76
C THR A 98 4.83 -25.81 -4.46
N PHE A 99 5.70 -26.63 -5.06
CA PHE A 99 5.32 -27.86 -5.76
C PHE A 99 5.62 -29.03 -4.84
N TRP A 100 4.56 -29.70 -4.38
CA TRP A 100 4.60 -30.90 -3.56
C TRP A 100 4.57 -32.15 -4.45
N GLY A 101 5.12 -33.24 -3.91
CA GLY A 101 5.13 -34.51 -4.60
C GLY A 101 4.07 -35.48 -4.10
N SER A 102 4.14 -36.70 -4.62
CA SER A 102 3.21 -37.75 -4.23
C SER A 102 3.43 -38.18 -2.78
N ASP A 103 4.68 -38.17 -2.33
CA ASP A 103 5.07 -38.47 -0.95
C ASP A 103 4.79 -37.35 0.06
N LYS A 104 4.04 -36.31 -0.34
CA LYS A 104 3.73 -35.12 0.47
C LYS A 104 4.99 -34.40 0.99
N GLN A 105 6.08 -34.46 0.25
CA GLN A 105 7.24 -33.61 0.50
C GLN A 105 7.37 -32.56 -0.59
N ILE A 106 8.07 -31.48 -0.27
CA ILE A 106 8.22 -30.36 -1.21
C ILE A 106 9.32 -30.71 -2.22
N LYS A 107 8.97 -30.68 -3.50
CA LYS A 107 9.93 -30.95 -4.55
C LYS A 107 10.47 -29.69 -5.22
N LEU A 108 9.69 -28.61 -5.25
CA LEU A 108 10.16 -27.39 -5.90
C LEU A 108 9.57 -26.17 -5.21
N GLN A 109 10.30 -25.06 -5.26
CA GLN A 109 9.79 -23.77 -4.82
C GLN A 109 10.25 -22.68 -5.78
N LEU A 110 9.31 -22.06 -6.48
CA LEU A 110 9.60 -20.92 -7.34
C LEU A 110 9.27 -19.63 -6.60
N ALA A 111 10.29 -18.79 -6.38
CA ALA A 111 10.10 -17.48 -5.81
C ALA A 111 9.96 -16.48 -6.95
N VAL A 112 8.77 -15.92 -7.10
CA VAL A 112 8.45 -15.07 -8.24
C VAL A 112 8.45 -13.62 -7.80
N GLN A 113 9.29 -12.82 -8.46
CA GLN A 113 9.31 -11.37 -8.36
C GLN A 113 8.84 -10.78 -9.69
N THR A 114 7.91 -9.84 -9.63
CA THR A 114 7.38 -9.22 -10.83
C THR A 114 8.01 -7.85 -11.06
N LEU A 115 8.13 -7.50 -12.34
CA LEU A 115 8.69 -6.22 -12.77
C LEU A 115 7.79 -5.61 -13.82
N GLN A 116 7.78 -4.28 -13.87
CA GLN A 116 7.16 -3.53 -14.95
C GLN A 116 8.28 -2.76 -15.65
N MET A 117 8.40 -2.93 -16.96
CA MET A 117 9.45 -2.24 -17.70
C MET A 117 8.93 -1.17 -18.64
N SER A 118 7.65 -0.79 -18.53
CA SER A 118 7.20 0.41 -19.20
C SER A 118 7.69 1.68 -18.50
N SER A 119 7.96 1.60 -17.20
CA SER A 119 8.55 2.71 -16.45
C SER A 119 9.30 2.17 -15.23
N PRO A 133 10.49 1.15 0.79
CA PRO A 133 9.18 0.82 1.35
C PRO A 133 9.25 -0.23 2.46
N GLU A 134 10.13 0.01 3.44
CA GLU A 134 10.29 -0.92 4.55
C GLU A 134 9.13 -0.82 5.54
N SER A 135 8.83 0.40 5.99
CA SER A 135 7.63 0.86 6.70
C SER A 135 7.50 0.41 8.16
N ARG A 136 8.30 -0.56 8.62
CA ARG A 136 8.28 -0.90 10.04
C ARG A 136 9.63 -1.19 10.68
N VAL A 137 10.67 -1.59 9.93
CA VAL A 137 11.94 -1.94 10.55
C VAL A 137 12.75 -0.68 10.86
N GLU A 138 13.77 -0.83 11.70
CA GLU A 138 14.64 0.28 12.07
C GLU A 138 15.67 0.56 10.97
N SER A 140 19.40 2.08 6.37
CA SER A 140 19.30 0.88 7.19
C SER A 140 20.10 -0.27 6.59
N SER A 141 20.09 -1.42 7.27
CA SER A 141 20.84 -2.60 6.83
C SER A 141 20.23 -3.29 5.63
N TRP A 142 19.02 -2.91 5.22
CA TRP A 142 18.32 -3.51 4.10
C TRP A 142 18.45 -2.65 2.83
N LYS A 143 19.63 -2.07 2.63
CA LYS A 143 19.94 -1.20 1.50
C LYS A 143 20.00 -1.94 0.17
N LYS A 144 20.02 -3.27 0.18
CA LYS A 144 20.15 -4.09 -1.03
C LYS A 144 18.95 -3.92 -1.95
N SER A 145 19.17 -4.21 -3.23
CA SER A 145 18.10 -4.21 -4.22
C SER A 145 17.25 -5.46 -4.08
N ARG A 146 16.13 -5.50 -4.81
CA ARG A 146 15.26 -6.67 -4.79
C ARG A 146 15.92 -7.88 -5.43
N PHE A 147 16.85 -7.65 -6.36
CA PHE A 147 17.61 -8.73 -6.98
C PHE A 147 18.47 -9.45 -5.96
N ASP A 148 19.24 -8.69 -5.18
CA ASP A 148 20.16 -9.29 -4.22
C ASP A 148 19.40 -9.97 -3.09
N LYS A 149 18.26 -9.41 -2.69
CA LYS A 149 17.42 -10.04 -1.68
C LYS A 149 16.81 -11.34 -2.20
N LEU A 150 16.37 -11.36 -3.46
CA LEU A 150 15.85 -12.61 -4.03
C LEU A 150 16.94 -13.67 -4.14
N GLU A 151 18.16 -13.26 -4.54
CA GLU A 151 19.27 -14.19 -4.62
C GLU A 151 19.65 -14.74 -3.25
N GLU A 152 19.66 -13.87 -2.24
CA GLU A 152 19.96 -14.31 -0.87
C GLU A 152 18.87 -15.22 -0.32
N PHE A 153 17.62 -14.94 -0.65
CA PHE A 153 16.50 -15.81 -0.26
C PHE A 153 16.64 -17.20 -0.87
N CYS A 154 16.94 -17.26 -2.17
CA CYS A 154 17.08 -18.54 -2.84
C CYS A 154 18.34 -19.30 -2.39
N ASN A 155 19.40 -18.57 -2.02
CA ASN A 155 20.57 -19.23 -1.40
C ASN A 155 20.21 -19.84 -0.06
N LEU A 156 19.43 -19.13 0.75
CA LEU A 156 19.15 -19.57 2.10
C LEU A 156 18.17 -20.74 2.13
N ILE A 157 17.18 -20.76 1.22
CA ILE A 157 16.21 -21.86 1.22
C ILE A 157 16.87 -23.16 0.78
N GLY A 158 17.63 -23.12 -0.31
CA GLY A 158 18.35 -24.30 -0.76
C GLY A 158 18.35 -24.42 -2.26
N GLU A 159 18.83 -25.57 -2.74
CA GLU A 159 19.03 -25.79 -4.17
C GLU A 159 17.72 -26.02 -4.92
N ASP A 160 16.66 -26.45 -4.23
CA ASP A 160 15.37 -26.69 -4.87
C ASP A 160 14.48 -25.45 -4.87
N CYS A 161 15.03 -24.29 -4.56
CA CYS A 161 14.30 -23.03 -4.61
C CYS A 161 14.92 -22.18 -5.71
N LEU A 162 14.15 -21.94 -6.75
CA LEU A 162 14.60 -21.16 -7.91
C LEU A 162 13.97 -19.79 -7.87
N GLY A 163 14.65 -18.82 -8.47
CA GLY A 163 14.17 -17.45 -8.57
C GLY A 163 13.66 -17.21 -10.00
N LEU A 164 12.52 -16.52 -10.09
CA LEU A 164 11.89 -16.26 -11.37
C LEU A 164 11.39 -14.83 -11.41
N PHE A 165 11.84 -14.06 -12.41
CA PHE A 165 11.32 -12.74 -12.68
C PHE A 165 10.24 -12.84 -13.74
N ILE A 166 9.10 -12.22 -13.49
CA ILE A 166 8.04 -12.14 -14.49
C ILE A 166 7.85 -10.66 -14.82
N ILE A 167 7.96 -10.34 -16.11
CA ILE A 167 7.98 -8.97 -16.61
C ILE A 167 6.62 -8.71 -17.28
N PHE A 168 5.90 -7.73 -16.75
CA PHE A 168 4.65 -7.23 -17.33
C PHE A 168 4.99 -5.96 -18.11
N GLY A 169 5.11 -6.08 -19.43
CA GLY A 169 5.35 -4.92 -20.27
C GLY A 169 6.80 -4.56 -20.44
N MET A 170 7.16 -4.07 -21.62
CA MET A 170 8.52 -3.68 -21.99
C MET A 170 8.47 -2.31 -22.68
N PRO A 171 9.66 -1.64 -22.85
CA PRO A 171 9.65 -0.42 -23.68
C PRO A 171 9.31 -0.74 -25.12
N GLY A 172 8.13 -0.31 -25.56
CA GLY A 172 7.54 -0.81 -26.78
C GLY A 172 6.87 -2.15 -26.53
N LYS A 173 5.64 -2.32 -27.06
CA LYS A 173 4.76 -3.47 -26.81
C LYS A 173 4.51 -3.55 -25.29
N PRO A 174 3.69 -2.67 -24.72
CA PRO A 174 3.52 -2.63 -23.27
C PRO A 174 2.63 -3.74 -22.71
N LYS A 175 2.04 -4.59 -23.55
CA LYS A 175 1.19 -5.67 -23.10
C LYS A 175 1.87 -7.04 -23.15
N ASP A 176 3.19 -7.08 -23.32
CA ASP A 176 3.88 -8.36 -23.41
C ASP A 176 4.33 -8.83 -22.03
N ILE A 177 4.07 -10.11 -21.75
CA ILE A 177 4.40 -10.74 -20.48
C ILE A 177 5.40 -11.84 -20.75
N ARG A 178 6.54 -11.81 -20.05
CA ARG A 178 7.55 -12.84 -20.27
C ARG A 178 8.36 -13.09 -19.01
N GLY A 179 8.88 -14.30 -18.88
CA GLY A 179 9.60 -14.73 -17.70
C GLY A 179 11.08 -14.89 -17.95
N VAL A 180 11.88 -14.74 -16.89
CA VAL A 180 13.34 -14.89 -16.94
C VAL A 180 13.79 -15.60 -15.65
N VAL A 181 14.60 -16.66 -15.80
CA VAL A 181 15.17 -17.39 -14.66
C VAL A 181 16.38 -16.61 -14.13
N LEU A 182 16.53 -16.62 -12.79
CA LEU A 182 17.58 -15.85 -12.12
C LEU A 182 18.99 -16.30 -12.53
N ASP A 183 19.19 -17.60 -12.72
CA ASP A 183 20.52 -18.12 -13.02
C ASP A 183 21.01 -17.70 -14.40
N SER A 184 20.10 -17.53 -15.35
CA SER A 184 20.46 -17.00 -16.66
C SER A 184 20.96 -15.57 -16.56
N VAL A 185 20.32 -14.76 -15.72
CA VAL A 185 20.80 -13.41 -15.45
C VAL A 185 22.19 -13.45 -14.84
N LYS A 186 22.39 -14.33 -13.84
CA LYS A 186 23.69 -14.44 -13.16
C LYS A 186 24.81 -14.84 -14.12
N SER A 187 24.50 -15.76 -15.05
CA SER A 187 25.44 -16.11 -16.11
C SER A 187 25.74 -14.93 -17.02
N GLN A 188 24.77 -14.03 -17.22
CA GLN A 188 25.11 -12.80 -17.97
C GLN A 188 25.88 -11.78 -17.13
N MET A 189 25.67 -11.75 -15.80
CA MET A 189 26.41 -10.82 -14.96
C MET A 189 27.87 -11.22 -14.80
N VAL A 190 28.22 -12.49 -14.97
CA VAL A 190 29.65 -12.82 -14.95
C VAL A 190 30.39 -12.23 -16.17
N ARG A 191 29.68 -11.90 -17.25
CA ARG A 191 30.27 -11.18 -18.38
C ARG A 191 30.11 -9.67 -18.24
N SER A 192 28.86 -9.21 -18.19
CA SER A 192 28.55 -7.79 -18.36
C SER A 192 28.93 -6.93 -17.17
N HIS A 193 29.14 -7.55 -15.99
CA HIS A 193 29.47 -6.83 -14.74
C HIS A 193 28.42 -5.78 -14.36
N LEU A 194 27.18 -6.07 -14.59
CA LEU A 194 26.17 -5.09 -14.20
C LEU A 194 25.60 -5.44 -12.83
N PRO A 195 25.03 -4.46 -12.12
CA PRO A 195 24.16 -4.80 -11.00
C PRO A 195 22.93 -5.55 -11.50
N GLY A 196 22.41 -6.44 -10.65
CA GLY A 196 21.40 -7.41 -11.09
C GLY A 196 20.08 -6.79 -11.53
N GLY A 197 19.70 -5.67 -10.91
CA GLY A 197 18.49 -4.97 -11.35
C GLY A 197 18.61 -4.43 -12.76
N LYS A 198 19.75 -3.82 -13.09
CA LYS A 198 20.00 -3.42 -14.47
C LYS A 198 20.27 -4.62 -15.37
N ALA A 199 20.83 -5.69 -14.80
CA ALA A 199 21.18 -6.87 -15.59
C ALA A 199 19.95 -7.61 -16.10
N VAL A 200 18.87 -7.64 -15.29
CA VAL A 200 17.62 -8.25 -15.74
C VAL A 200 17.03 -7.46 -16.91
N ALA A 201 16.97 -6.13 -16.78
CA ALA A 201 16.41 -5.28 -17.83
C ALA A 201 17.24 -5.34 -19.10
N GLN A 202 18.56 -5.54 -18.93
CA GLN A 202 19.44 -5.72 -20.07
C GLN A 202 19.19 -7.07 -20.74
N PHE A 203 19.01 -8.13 -19.93
CA PHE A 203 18.77 -9.48 -20.44
C PHE A 203 17.48 -9.57 -21.23
N VAL A 204 16.43 -8.88 -20.76
CA VAL A 204 15.12 -9.01 -21.40
C VAL A 204 15.10 -8.34 -22.77
N LEU A 205 15.81 -7.23 -22.94
CA LEU A 205 15.79 -6.48 -24.19
C LEU A 205 16.85 -6.94 -25.20
N GLU A 206 17.78 -7.80 -24.81
CA GLU A 206 18.73 -8.34 -25.79
C GLU A 206 18.50 -9.79 -26.18
N THR A 207 17.87 -10.62 -25.35
CA THR A 207 17.75 -12.06 -25.66
C THR A 207 16.66 -12.31 -26.70
N GLU A 208 17.04 -12.92 -27.81
CA GLU A 208 16.09 -13.30 -28.86
C GLU A 208 15.53 -14.70 -28.66
N ASP A 209 16.32 -15.61 -28.11
CA ASP A 209 15.90 -17.00 -27.94
C ASP A 209 14.88 -17.13 -26.82
N CYS A 210 13.91 -18.02 -27.01
CA CYS A 210 12.86 -18.19 -26.01
C CYS A 210 12.54 -19.67 -25.82
N VAL A 211 11.95 -19.96 -24.66
CA VAL A 211 11.48 -21.29 -24.30
C VAL A 211 10.09 -21.14 -23.71
N PHE A 212 9.12 -21.95 -24.16
CA PHE A 212 7.77 -21.86 -23.63
C PHE A 212 7.70 -22.36 -22.19
N ILE A 213 6.68 -21.90 -21.46
CA ILE A 213 6.53 -22.21 -20.05
C ILE A 213 6.19 -23.68 -19.82
N LYS A 214 5.46 -24.31 -20.76
CA LYS A 214 5.21 -25.75 -20.70
C LYS A 214 6.50 -26.54 -20.79
N GLU A 215 7.39 -26.14 -21.70
CA GLU A 215 8.67 -26.82 -21.85
C GLU A 215 9.58 -26.58 -20.65
N LEU A 216 9.52 -25.37 -20.08
CA LEU A 216 10.34 -25.08 -18.91
C LEU A 216 9.89 -25.90 -17.72
N LEU A 217 8.59 -26.01 -17.53
CA LEU A 217 8.00 -26.73 -16.42
C LEU A 217 7.77 -28.20 -16.72
N ARG A 218 8.22 -28.70 -17.87
CA ARG A 218 8.07 -30.12 -18.17
C ARG A 218 8.83 -31.00 -17.18
N ASN A 219 10.05 -30.62 -16.80
CA ASN A 219 10.83 -31.42 -15.85
C ASN A 219 10.22 -31.39 -14.45
N CYS A 220 10.40 -30.29 -13.72
CA CYS A 220 9.61 -29.83 -12.57
C CYS A 220 9.64 -30.71 -11.31
N LEU A 221 9.93 -32.00 -11.43
CA LEU A 221 9.93 -32.88 -10.26
C LEU A 221 11.13 -33.82 -10.26
N SER A 222 11.48 -34.34 -11.44
CA SER A 222 12.42 -35.45 -11.53
C SER A 222 13.87 -35.00 -11.33
N LYS A 223 14.27 -33.89 -11.96
CA LYS A 223 15.61 -33.35 -11.82
C LYS A 223 15.50 -31.87 -11.47
N LYS A 224 16.40 -31.40 -10.59
CA LYS A 224 16.38 -30.01 -10.16
C LYS A 224 17.22 -29.10 -11.06
N ASP A 225 18.38 -29.57 -11.50
CA ASP A 225 19.32 -28.73 -12.24
C ASP A 225 18.85 -28.42 -13.65
N GLY A 226 17.99 -29.26 -14.24
CA GLY A 226 17.49 -29.01 -15.58
C GLY A 226 16.60 -27.77 -15.68
N LEU A 227 16.08 -27.31 -14.55
CA LEU A 227 15.41 -26.02 -14.49
C LEU A 227 16.42 -24.87 -14.58
N ARG A 228 17.54 -24.97 -13.86
CA ARG A 228 18.50 -23.88 -13.77
C ARG A 228 19.53 -23.86 -14.89
N GLU A 229 19.68 -24.95 -15.65
CA GLU A 229 20.54 -24.95 -16.84
C GLU A 229 19.78 -24.53 -18.09
N VAL A 230 18.77 -23.68 -17.95
CA VAL A 230 17.91 -23.31 -19.06
C VAL A 230 18.68 -22.50 -20.11
N GLY A 231 19.64 -21.68 -19.68
CA GLY A 231 20.54 -21.01 -20.60
C GLY A 231 20.09 -19.62 -20.98
N LYS A 232 20.71 -19.10 -22.04
CA LYS A 232 20.47 -17.73 -22.52
C LYS A 232 19.21 -17.75 -23.40
N VAL A 233 18.07 -17.86 -22.71
CA VAL A 233 16.74 -17.72 -23.30
C VAL A 233 15.89 -16.95 -22.31
N TYR A 234 14.75 -16.46 -22.80
CA TYR A 234 13.68 -15.99 -21.92
C TYR A 234 12.56 -17.02 -21.93
N ILE A 235 11.54 -16.76 -21.12
CA ILE A 235 10.40 -17.67 -21.00
C ILE A 235 9.20 -17.01 -21.67
N SER A 236 8.62 -17.69 -22.65
CA SER A 236 7.49 -17.16 -23.40
C SER A 236 6.19 -17.64 -22.77
N ILE A 237 5.28 -16.70 -22.52
CA ILE A 237 4.00 -16.99 -21.87
C ILE A 237 2.82 -16.65 -22.76
N LEU A 238 2.89 -15.53 -23.47
CA LEU A 238 1.78 -14.91 -24.23
C LEU A 238 0.55 -14.65 -23.33
N ASN B 20 8.22 7.28 19.39
CA ASN B 20 8.94 7.76 20.56
C ASN B 20 10.17 6.87 20.87
N PHE B 21 9.97 5.75 21.58
CA PHE B 21 10.85 4.57 21.69
C PHE B 21 12.32 4.87 22.06
N ASP B 22 12.62 5.06 23.36
CA ASP B 22 14.04 4.94 23.75
C ASP B 22 14.55 3.53 23.49
N TYR B 23 13.68 2.53 23.65
CA TYR B 23 14.04 1.13 23.61
C TYR B 23 13.32 0.43 22.47
N MET B 24 14.09 -0.34 21.71
CA MET B 24 13.60 -1.16 20.61
C MET B 24 14.19 -2.53 20.79
N PHE B 25 13.33 -3.53 21.00
CA PHE B 25 13.77 -4.88 21.34
C PHE B 25 13.39 -5.84 20.22
N LYS B 26 14.35 -6.67 19.82
CA LYS B 26 14.14 -7.72 18.85
C LYS B 26 13.83 -9.03 19.57
N LEU B 27 12.68 -9.60 19.28
CA LEU B 27 12.25 -10.86 19.85
C LEU B 27 12.00 -11.83 18.70
N LEU B 28 12.31 -13.10 18.93
CA LEU B 28 11.99 -14.14 17.97
C LEU B 28 11.17 -15.20 18.65
N ILE B 29 10.13 -15.67 17.96
CA ILE B 29 9.35 -16.82 18.37
C ILE B 29 9.77 -18.01 17.50
N ILE B 30 10.32 -19.03 18.16
CA ILE B 30 10.86 -20.22 17.50
C ILE B 30 10.30 -21.48 18.17
N GLY B 31 10.42 -22.59 17.45
CA GLY B 31 9.89 -23.88 17.87
C GLY B 31 9.35 -24.65 16.68
N ASN B 32 8.88 -25.88 16.91
CA ASN B 32 8.49 -26.79 15.84
C ASN B 32 7.25 -26.28 15.11
N SER B 33 6.97 -26.90 13.96
CA SER B 33 5.76 -26.56 13.23
C SER B 33 4.53 -27.01 14.02
N SER B 34 3.44 -26.24 13.89
CA SER B 34 2.10 -26.44 14.46
C SER B 34 2.04 -26.25 15.98
N VAL B 35 3.04 -25.64 16.61
CA VAL B 35 2.92 -25.40 18.04
C VAL B 35 2.13 -24.13 18.38
N GLY B 36 1.92 -23.24 17.40
CA GLY B 36 1.09 -22.06 17.62
C GLY B 36 1.83 -20.73 17.62
N LYS B 37 2.93 -20.64 16.90
CA LYS B 37 3.78 -19.44 16.97
C LYS B 37 3.11 -18.23 16.32
N THR B 38 2.56 -18.43 15.12
CA THR B 38 1.83 -17.37 14.44
C THR B 38 0.58 -16.96 15.22
N SER B 39 -0.15 -17.95 15.75
CA SER B 39 -1.32 -17.68 16.58
C SER B 39 -0.95 -16.92 17.84
N PHE B 40 0.20 -17.25 18.45
CA PHE B 40 0.70 -16.52 19.61
C PHE B 40 0.97 -15.06 19.28
N LEU B 41 1.63 -14.82 18.15
CA LEU B 41 1.95 -13.45 17.77
C LEU B 41 0.69 -12.66 17.42
N PHE B 42 -0.28 -13.29 16.74
CA PHE B 42 -1.50 -12.59 16.37
C PHE B 42 -2.37 -12.29 17.59
N ARG B 43 -2.40 -13.21 18.57
CA ARG B 43 -3.11 -12.95 19.81
C ARG B 43 -2.46 -11.81 20.59
N TYR B 44 -1.14 -11.76 20.62
CA TYR B 44 -0.49 -10.67 21.35
C TYR B 44 -0.64 -9.34 20.63
N ALA B 45 -0.58 -9.34 19.30
CA ALA B 45 -0.51 -8.10 18.54
C ALA B 45 -1.89 -7.54 18.21
N ASP B 46 -2.88 -8.39 17.92
CA ASP B 46 -4.19 -7.96 17.45
C ASP B 46 -5.34 -8.41 18.32
N ASP B 47 -5.09 -9.18 19.38
CA ASP B 47 -6.11 -9.70 20.33
C ASP B 47 -7.19 -10.51 19.61
N THR B 48 -6.76 -11.45 18.78
CA THR B 48 -7.72 -12.27 18.04
C THR B 48 -7.15 -13.67 17.83
N PHE B 49 -8.01 -14.58 17.37
CA PHE B 49 -7.61 -15.94 17.05
C PHE B 49 -8.52 -16.50 15.97
N THR B 50 -7.92 -17.08 14.93
CA THR B 50 -8.65 -17.85 13.94
C THR B 50 -8.15 -19.29 13.91
N PRO B 51 -9.04 -20.28 13.80
CA PRO B 51 -8.57 -21.67 13.77
C PRO B 51 -7.90 -22.08 12.47
N ALA B 52 -7.92 -21.24 11.44
CA ALA B 52 -7.37 -21.57 10.13
C ALA B 52 -5.86 -21.69 10.20
N PHE B 53 -5.37 -22.92 10.09
CA PHE B 53 -3.93 -23.20 10.07
C PHE B 53 -3.38 -22.86 8.68
N VAL B 54 -2.56 -21.81 8.61
CA VAL B 54 -1.66 -21.60 7.49
C VAL B 54 -0.22 -21.57 8.02
N SER B 55 0.63 -22.40 7.43
CA SER B 55 1.99 -22.52 7.93
C SER B 55 2.82 -21.35 7.42
N THR B 56 3.65 -20.79 8.29
CA THR B 56 4.50 -19.67 7.90
C THR B 56 5.57 -20.14 6.92
N VAL B 57 5.75 -19.38 5.84
CA VAL B 57 6.81 -19.63 4.88
C VAL B 57 7.94 -18.67 5.20
N GLY B 58 9.08 -19.20 5.64
CA GLY B 58 10.23 -18.37 5.91
C GLY B 58 10.17 -17.71 7.28
N ILE B 59 9.83 -16.42 7.31
CA ILE B 59 9.83 -15.65 8.55
C ILE B 59 8.95 -14.43 8.29
N ASP B 60 8.29 -13.93 9.35
CA ASP B 60 7.60 -12.65 9.28
C ASP B 60 7.81 -11.95 10.61
N PHE B 61 7.33 -10.70 10.72
CA PHE B 61 7.45 -9.95 11.96
C PHE B 61 6.31 -8.96 12.11
N LYS B 62 6.06 -8.57 13.35
CA LYS B 62 5.10 -7.54 13.70
C LYS B 62 5.72 -6.60 14.73
N VAL B 63 5.25 -5.37 14.78
CA VAL B 63 5.76 -4.37 15.71
C VAL B 63 4.64 -3.99 16.66
N LYS B 64 4.92 -4.09 17.96
CA LYS B 64 3.99 -3.70 19.00
C LYS B 64 4.69 -2.74 19.95
N THR B 65 4.03 -1.63 20.28
CA THR B 65 4.53 -0.70 21.28
C THR B 65 3.82 -0.93 22.61
N VAL B 66 4.59 -0.95 23.70
CA VAL B 66 4.06 -1.24 25.02
C VAL B 66 4.48 -0.16 26.01
N TYR B 67 3.64 0.04 27.02
CA TYR B 67 3.94 0.89 28.18
C TYR B 67 4.42 -0.09 29.25
N ARG B 68 5.74 -0.31 29.29
CA ARG B 68 6.37 -0.99 30.40
C ARG B 68 6.68 0.05 31.48
N HIS B 69 7.37 -0.36 32.56
CA HIS B 69 7.40 0.25 33.91
C HIS B 69 7.39 1.78 33.95
N GLU B 70 8.18 2.45 33.09
CA GLU B 70 7.99 3.88 32.92
C GLU B 70 7.59 4.30 31.51
N LYS B 71 8.22 3.77 30.45
CA LYS B 71 8.14 4.49 29.18
C LYS B 71 8.05 3.47 28.04
N ARG B 72 7.56 3.95 26.89
CA ARG B 72 7.33 3.18 25.66
C ARG B 72 8.51 2.30 25.27
N VAL B 73 8.19 1.06 24.93
CA VAL B 73 9.15 0.12 24.38
C VAL B 73 8.56 -0.44 23.08
N LYS B 74 9.32 -0.37 21.99
CA LYS B 74 8.91 -0.91 20.70
C LYS B 74 9.53 -2.29 20.48
N LEU B 75 8.67 -3.32 20.42
CA LEU B 75 9.08 -4.68 20.17
C LEU B 75 8.86 -5.03 18.71
N GLN B 76 9.92 -5.44 18.03
CA GLN B 76 9.76 -6.12 16.75
C GLN B 76 9.88 -7.62 17.01
N ILE B 77 8.80 -8.34 16.76
CA ILE B 77 8.65 -9.74 17.11
C ILE B 77 8.60 -10.52 15.81
N TRP B 78 9.56 -11.42 15.63
CA TRP B 78 9.74 -12.19 14.41
C TRP B 78 9.20 -13.59 14.65
N ASP B 79 8.14 -13.93 13.96
CA ASP B 79 7.58 -15.28 13.92
C ASP B 79 8.41 -16.09 12.91
N THR B 80 9.05 -17.17 13.38
CA THR B 80 9.80 -18.01 12.46
C THR B 80 8.95 -19.17 11.98
N ALA B 81 9.43 -19.87 10.96
CA ALA B 81 8.79 -21.09 10.47
C ALA B 81 9.41 -22.31 11.14
N GLY B 82 8.56 -23.24 11.56
CA GLY B 82 9.01 -24.42 12.28
C GLY B 82 9.51 -25.56 11.40
N GLN B 83 9.16 -25.56 10.12
CA GLN B 83 9.57 -26.63 9.21
C GLN B 83 11.08 -26.60 9.00
N GLU B 84 11.65 -27.79 8.76
CA GLU B 84 13.09 -27.98 8.71
C GLU B 84 13.74 -27.25 7.54
N ARG B 85 13.03 -27.14 6.40
CA ARG B 85 13.61 -26.53 5.21
C ARG B 85 13.84 -25.03 5.36
N TYR B 86 13.21 -24.38 6.33
CA TYR B 86 13.45 -22.97 6.60
C TYR B 86 14.39 -22.76 7.78
N ARG B 87 14.95 -23.87 8.32
CA ARG B 87 15.84 -23.81 9.47
C ARG B 87 17.07 -22.95 9.21
N THR B 88 17.57 -22.97 7.97
CA THR B 88 18.67 -22.09 7.60
C THR B 88 18.24 -20.63 7.65
N ILE B 89 17.15 -20.27 6.97
CA ILE B 89 16.86 -18.85 6.74
C ILE B 89 16.43 -18.18 8.04
N THR B 90 15.67 -18.89 8.88
CA THR B 90 15.28 -18.36 10.19
C THR B 90 16.50 -18.13 11.08
N THR B 91 17.50 -19.01 10.99
CA THR B 91 18.70 -18.80 11.79
C THR B 91 19.52 -17.63 11.26
N ALA B 92 19.33 -17.25 10.00
CA ALA B 92 19.96 -16.03 9.51
C ALA B 92 19.35 -14.76 10.08
N TYR B 93 18.24 -14.86 10.82
CA TYR B 93 17.64 -13.70 11.47
C TYR B 93 17.78 -13.73 12.99
N TYR B 94 18.62 -14.62 13.53
CA TYR B 94 18.86 -14.65 14.97
C TYR B 94 19.76 -13.52 15.44
N ARG B 95 20.51 -12.90 14.52
CA ARG B 95 21.42 -11.81 14.87
C ARG B 95 20.62 -10.59 15.34
N GLY B 96 21.16 -9.91 16.35
CA GLY B 96 20.49 -8.78 16.93
C GLY B 96 19.33 -9.11 17.84
N ALA B 97 19.06 -10.38 18.10
CA ALA B 97 17.96 -10.76 18.97
C ALA B 97 18.32 -10.50 20.42
N MET B 98 17.41 -9.83 21.13
CA MET B 98 17.54 -9.73 22.57
C MET B 98 16.65 -10.71 23.31
N GLY B 99 15.62 -11.25 22.66
CA GLY B 99 14.72 -12.16 23.34
C GLY B 99 14.24 -13.29 22.45
N PHE B 100 13.96 -14.43 23.09
CA PHE B 100 13.45 -15.62 22.42
C PHE B 100 12.27 -16.19 23.18
N ILE B 101 11.21 -16.53 22.46
CA ILE B 101 10.14 -17.36 22.96
C ILE B 101 10.35 -18.72 22.29
N LEU B 102 10.89 -19.67 23.06
CA LEU B 102 10.98 -21.06 22.63
C LEU B 102 9.65 -21.71 23.00
N MET B 103 8.91 -22.18 22.00
CA MET B 103 7.56 -22.64 22.22
C MET B 103 7.41 -24.10 21.78
N TYR B 104 6.75 -24.89 22.61
CA TYR B 104 6.31 -26.24 22.27
C TYR B 104 4.80 -26.35 22.45
N ASP B 105 4.28 -27.55 22.21
CA ASP B 105 2.87 -27.88 22.28
C ASP B 105 2.73 -28.91 23.40
N ILE B 106 1.78 -28.68 24.32
CA ILE B 106 1.58 -29.64 25.40
C ILE B 106 0.81 -30.88 24.96
N THR B 107 0.22 -30.85 23.77
CA THR B 107 -0.47 -32.00 23.20
C THR B 107 0.41 -32.79 22.23
N ASN B 108 1.68 -32.41 22.07
CA ASN B 108 2.57 -33.00 21.07
C ASN B 108 3.94 -33.23 21.72
N GLU B 109 4.25 -34.51 21.99
CA GLU B 109 5.51 -34.85 22.66
C GLU B 109 6.73 -34.56 21.79
N GLU B 110 6.60 -34.72 20.47
CA GLU B 110 7.68 -34.41 19.55
C GLU B 110 8.10 -32.95 19.61
N SER B 111 7.16 -32.04 19.85
CA SER B 111 7.52 -30.64 20.02
C SER B 111 8.31 -30.42 21.30
N PHE B 112 7.99 -31.15 22.37
CA PHE B 112 8.71 -30.97 23.62
C PHE B 112 10.09 -31.61 23.59
N ASN B 113 10.25 -32.73 22.89
CA ASN B 113 11.55 -33.37 22.79
C ASN B 113 12.54 -32.55 21.98
N ALA B 114 12.04 -31.62 21.16
CA ALA B 114 12.88 -30.79 20.31
C ALA B 114 13.45 -29.56 21.03
N VAL B 115 12.97 -29.22 22.23
CA VAL B 115 13.29 -27.91 22.80
C VAL B 115 14.75 -27.83 23.25
N GLN B 116 15.40 -28.95 23.54
CA GLN B 116 16.82 -28.92 23.84
C GLN B 116 17.62 -28.60 22.58
N ASP B 117 17.19 -29.14 21.43
CA ASP B 117 17.80 -28.78 20.15
C ASP B 117 17.58 -27.31 19.82
N TRP B 118 16.40 -26.78 20.13
CA TRP B 118 16.14 -25.36 19.89
C TRP B 118 16.99 -24.47 20.79
N ALA B 119 17.19 -24.88 22.05
CA ALA B 119 18.04 -24.13 22.96
C ALA B 119 19.50 -24.16 22.49
N THR B 120 19.94 -25.31 21.97
CA THR B 120 21.27 -25.39 21.36
C THR B 120 21.37 -24.47 20.14
N GLN B 121 20.31 -24.39 19.35
CA GLN B 121 20.27 -23.49 18.19
C GLN B 121 20.39 -22.02 18.62
N ILE B 122 19.73 -21.66 19.73
CA ILE B 122 19.86 -20.30 20.26
C ILE B 122 21.28 -20.03 20.72
N LYS B 123 21.88 -20.99 21.44
CA LYS B 123 23.25 -20.82 21.92
C LYS B 123 24.27 -20.82 20.79
N THR B 124 23.97 -21.49 19.68
CA THR B 124 24.92 -21.54 18.56
C THR B 124 24.83 -20.31 17.68
N TYR B 125 23.61 -19.94 17.26
CA TYR B 125 23.43 -18.97 16.18
C TYR B 125 23.09 -17.57 16.66
N SER B 126 22.92 -17.34 17.96
CA SER B 126 22.35 -16.05 18.34
C SER B 126 23.10 -15.30 19.42
N TRP B 127 23.76 -16.03 20.33
CA TRP B 127 23.62 -15.90 21.77
C TRP B 127 23.24 -14.50 22.30
N ASP B 128 24.05 -13.47 22.00
CA ASP B 128 23.93 -12.04 22.36
C ASP B 128 23.73 -11.79 23.87
N ASN B 129 23.99 -12.82 24.67
CA ASN B 129 23.39 -13.01 26.00
C ASN B 129 21.91 -12.58 26.02
N ALA B 130 21.13 -13.25 25.17
CA ALA B 130 19.72 -12.94 25.02
C ALA B 130 18.88 -13.81 25.95
N GLN B 131 17.82 -13.21 26.47
CA GLN B 131 16.92 -13.93 27.35
C GLN B 131 16.06 -14.89 26.55
N VAL B 132 15.79 -16.05 27.14
CA VAL B 132 14.95 -17.08 26.53
C VAL B 132 13.86 -17.43 27.53
N ILE B 133 12.63 -17.57 27.03
CA ILE B 133 11.51 -18.03 27.84
C ILE B 133 10.84 -19.21 27.14
N LEU B 134 10.49 -20.23 27.92
CA LEU B 134 9.91 -21.46 27.42
C LEU B 134 8.40 -21.43 27.62
N VAL B 135 7.65 -21.64 26.54
CA VAL B 135 6.20 -21.56 26.54
C VAL B 135 5.64 -22.88 26.02
N GLY B 136 4.83 -23.53 26.85
CA GLY B 136 4.01 -24.64 26.39
C GLY B 136 2.63 -24.14 25.98
N ASN B 137 2.40 -24.03 24.67
CA ASN B 137 1.14 -23.56 24.14
C ASN B 137 0.08 -24.65 24.21
N LYS B 138 -1.17 -24.22 23.95
CA LYS B 138 -2.37 -25.05 23.86
C LYS B 138 -2.74 -25.67 25.21
N CYS B 139 -2.59 -24.89 26.27
CA CYS B 139 -2.97 -25.38 27.59
C CYS B 139 -4.48 -25.46 27.79
N ASP B 140 -5.26 -24.88 26.88
CA ASP B 140 -6.71 -25.10 26.87
C ASP B 140 -7.08 -26.53 26.49
N MET B 141 -6.17 -27.26 25.84
CA MET B 141 -6.47 -28.61 25.35
C MET B 141 -6.00 -29.63 26.39
N GLU B 142 -6.68 -29.61 27.55
CA GLU B 142 -6.25 -30.43 28.68
C GLU B 142 -6.59 -31.91 28.46
N GLU B 143 -7.67 -32.19 27.72
CA GLU B 143 -8.04 -33.56 27.40
C GLU B 143 -7.00 -34.25 26.51
N GLU B 144 -6.26 -33.48 25.71
CA GLU B 144 -5.24 -34.01 24.82
C GLU B 144 -3.83 -33.77 25.33
N ARG B 145 -3.66 -33.42 26.61
CA ARG B 145 -2.35 -33.15 27.19
C ARG B 145 -1.48 -34.41 27.18
N VAL B 146 -0.21 -34.23 26.80
CA VAL B 146 0.73 -35.33 26.69
C VAL B 146 1.97 -34.99 27.52
N VAL B 147 2.27 -33.71 27.66
CA VAL B 147 3.43 -33.25 28.42
C VAL B 147 2.90 -32.64 29.73
N PRO B 148 3.22 -33.22 30.88
CA PRO B 148 2.84 -32.57 32.15
C PRO B 148 3.61 -31.29 32.35
N THR B 149 3.00 -30.36 33.11
CA THR B 149 3.60 -29.04 33.31
C THR B 149 4.86 -29.13 34.13
N GLU B 150 4.94 -30.16 34.97
CA GLU B 150 6.11 -30.40 35.82
C GLU B 150 7.34 -30.72 34.99
N LYS B 151 7.17 -31.48 33.90
CA LYS B 151 8.27 -31.78 32.99
C LYS B 151 8.81 -30.53 32.33
N GLY B 152 7.90 -29.67 31.87
CA GLY B 152 8.31 -28.42 31.25
C GLY B 152 9.00 -27.47 32.21
N GLN B 153 8.49 -27.36 33.45
CA GLN B 153 9.15 -26.45 34.37
C GLN B 153 10.45 -27.02 34.90
N LEU B 154 10.58 -28.36 34.96
CA LEU B 154 11.86 -28.97 35.31
C LEU B 154 12.91 -28.70 34.24
N LEU B 155 12.56 -28.86 32.97
CA LEU B 155 13.50 -28.54 31.89
C LEU B 155 13.81 -27.04 31.84
N ALA B 156 12.84 -26.20 32.20
CA ALA B 156 13.10 -24.76 32.27
C ALA B 156 14.07 -24.41 33.39
N GLU B 157 13.92 -25.04 34.57
CA GLU B 157 14.89 -24.87 35.65
C GLU B 157 16.27 -25.35 35.22
N GLN B 158 16.31 -26.47 34.49
CA GLN B 158 17.57 -27.04 34.02
C GLN B 158 18.28 -26.09 33.06
N LEU B 159 17.53 -25.48 32.14
CA LEU B 159 18.11 -24.63 31.11
C LEU B 159 18.26 -23.18 31.55
N GLY B 160 17.70 -22.81 32.71
CA GLY B 160 17.77 -21.44 33.17
C GLY B 160 16.72 -20.51 32.60
N PHE B 161 15.64 -21.06 32.05
CA PHE B 161 14.63 -20.24 31.39
C PHE B 161 13.41 -20.09 32.31
N ASP B 162 12.72 -18.97 32.15
CA ASP B 162 11.38 -18.84 32.72
C ASP B 162 10.41 -19.74 31.95
N PHE B 163 9.32 -20.13 32.62
CA PHE B 163 8.38 -21.09 32.09
C PHE B 163 6.96 -20.55 32.16
N PHE B 164 6.20 -20.76 31.09
CA PHE B 164 4.79 -20.43 31.07
C PHE B 164 4.03 -21.49 30.28
N GLU B 165 2.81 -21.75 30.70
CA GLU B 165 1.87 -22.54 29.92
C GLU B 165 0.77 -21.60 29.45
N ALA B 166 0.56 -21.58 28.15
CA ALA B 166 -0.24 -20.53 27.53
C ALA B 166 -1.24 -21.12 26.56
N SER B 167 -2.15 -20.25 26.12
CA SER B 167 -3.13 -20.62 25.10
C SER B 167 -3.34 -19.40 24.21
N ALA B 168 -2.87 -19.48 22.96
CA ALA B 168 -3.16 -18.45 21.99
C ALA B 168 -4.64 -18.37 21.66
N LYS B 169 -5.35 -19.51 21.76
CA LYS B 169 -6.78 -19.55 21.47
C LYS B 169 -7.59 -18.82 22.52
N GLU B 170 -7.29 -19.05 23.80
CA GLU B 170 -8.10 -18.53 24.89
C GLU B 170 -7.47 -17.34 25.61
N ASN B 171 -6.33 -16.85 25.12
CA ASN B 171 -5.60 -15.70 25.69
C ASN B 171 -5.30 -15.90 27.18
N ILE B 172 -4.57 -16.97 27.46
CA ILE B 172 -4.10 -17.28 28.81
C ILE B 172 -2.59 -17.22 28.78
N SER B 173 -2.01 -16.40 29.67
CA SER B 173 -0.55 -16.25 29.87
C SER B 173 0.20 -15.82 28.60
N VAL B 174 -0.48 -15.16 27.68
CA VAL B 174 0.15 -14.72 26.44
C VAL B 174 0.88 -13.41 26.61
N ARG B 175 0.19 -12.35 27.07
CA ARG B 175 0.86 -11.08 27.31
C ARG B 175 1.79 -11.15 28.52
N GLN B 176 1.51 -12.06 29.46
CA GLN B 176 2.37 -12.25 30.63
C GLN B 176 3.75 -12.79 30.24
N ALA B 177 3.80 -13.67 29.23
CA ALA B 177 5.08 -14.21 28.76
C ALA B 177 5.94 -13.14 28.10
N PHE B 178 5.33 -12.32 27.24
CA PHE B 178 6.03 -11.21 26.61
C PHE B 178 6.50 -10.20 27.64
N GLU B 179 5.65 -9.92 28.64
CA GLU B 179 6.03 -8.98 29.70
C GLU B 179 7.21 -9.51 30.50
N ARG B 180 7.22 -10.80 30.82
CA ARG B 180 8.33 -11.40 31.56
C ARG B 180 9.62 -11.36 30.75
N LEU B 181 9.54 -11.63 29.44
CA LEU B 181 10.72 -11.56 28.59
C LEU B 181 11.28 -10.14 28.50
N VAL B 182 10.39 -9.14 28.33
CA VAL B 182 10.82 -7.74 28.28
C VAL B 182 11.40 -7.30 29.62
N ASP B 183 10.84 -7.79 30.73
CA ASP B 183 11.36 -7.48 32.06
C ASP B 183 12.75 -8.07 32.26
N ALA B 184 12.99 -9.28 31.77
CA ALA B 184 14.32 -9.88 31.85
C ALA B 184 15.34 -9.11 31.00
N ILE B 185 14.91 -8.67 29.81
CA ILE B 185 15.78 -7.89 28.94
C ILE B 185 16.14 -6.55 29.59
N CYS B 186 15.15 -5.88 30.20
CA CYS B 186 15.41 -4.64 30.92
C CYS B 186 16.27 -4.86 32.16
N ASP B 187 16.07 -5.97 32.87
CA ASP B 187 16.87 -6.28 34.05
C ASP B 187 18.30 -6.65 33.70
N LYS B 188 18.59 -7.01 32.45
CA LYS B 188 19.96 -7.17 31.99
C LYS B 188 20.57 -5.85 31.48
N MET B 189 20.08 -4.71 31.95
CA MET B 189 20.63 -3.42 31.53
C MET B 189 20.81 -2.46 32.71
N PRO C 20 -23.07 12.45 -27.18
CA PRO C 20 -23.97 13.44 -26.62
C PRO C 20 -24.26 13.27 -25.12
N VAL C 21 -25.36 12.60 -24.78
CA VAL C 21 -25.92 12.62 -23.42
C VAL C 21 -24.94 12.02 -22.42
N VAL C 22 -24.49 12.84 -21.47
CA VAL C 22 -23.48 12.39 -20.51
C VAL C 22 -24.06 11.44 -19.46
N CYS C 23 -25.32 11.64 -19.04
CA CYS C 23 -25.87 10.99 -17.86
C CYS C 23 -26.09 9.50 -18.10
N GLU C 24 -26.67 9.16 -19.25
CA GLU C 24 -26.91 7.76 -19.60
C GLU C 24 -25.61 7.01 -19.79
N VAL C 25 -24.61 7.65 -20.41
CA VAL C 25 -23.30 7.03 -20.61
C VAL C 25 -22.62 6.75 -19.27
N VAL C 26 -22.75 7.68 -18.32
CA VAL C 26 -22.16 7.46 -17.00
C VAL C 26 -22.85 6.31 -16.26
N SER C 27 -24.19 6.24 -16.35
CA SER C 27 -24.92 5.13 -15.74
C SER C 27 -24.53 3.78 -16.36
N GLU C 28 -24.40 3.74 -17.69
CA GLU C 28 -23.94 2.53 -18.38
C GLU C 28 -22.52 2.17 -17.98
N ALA C 29 -21.65 3.17 -17.79
CA ALA C 29 -20.28 2.92 -17.36
C ALA C 29 -20.21 2.34 -15.96
N ILE C 30 -21.04 2.84 -15.04
CA ILE C 30 -21.09 2.30 -13.68
C ILE C 30 -21.58 0.85 -13.69
N VAL C 31 -22.61 0.56 -14.48
CA VAL C 31 -23.11 -0.82 -14.57
C VAL C 31 -22.06 -1.74 -15.22
N HIS C 32 -21.38 -1.26 -16.25
CA HIS C 32 -20.34 -2.05 -16.91
C HIS C 32 -19.16 -2.32 -16.00
N ALA C 33 -18.75 -1.31 -15.21
CA ALA C 33 -17.63 -1.50 -14.30
C ALA C 33 -17.99 -2.43 -13.13
N ALA C 34 -19.22 -2.33 -12.63
CA ALA C 34 -19.65 -3.27 -11.58
C ALA C 34 -19.74 -4.70 -12.11
N GLN C 35 -20.24 -4.86 -13.34
CA GLN C 35 -20.32 -6.18 -13.95
C GLN C 35 -18.94 -6.75 -14.25
N LYS C 36 -17.95 -5.89 -14.51
CA LYS C 36 -16.60 -6.42 -14.65
C LYS C 36 -15.96 -6.72 -13.29
N LEU C 37 -16.35 -5.99 -12.25
CA LEU C 37 -15.73 -6.19 -10.94
C LEU C 37 -16.27 -7.42 -10.22
N LYS C 38 -17.52 -7.84 -10.51
CA LYS C 38 -18.15 -8.94 -9.77
C LYS C 38 -17.43 -10.28 -9.93
N GLU C 39 -16.55 -10.41 -10.93
CA GLU C 39 -15.69 -11.58 -11.07
C GLU C 39 -14.76 -11.74 -9.87
N TYR C 40 -14.21 -10.62 -9.36
CA TYR C 40 -13.20 -10.65 -8.31
C TYR C 40 -13.78 -10.57 -6.90
N LEU C 41 -15.07 -10.31 -6.75
CA LEU C 41 -15.69 -10.25 -5.44
C LEU C 41 -15.87 -11.63 -4.83
N GLY C 42 -15.64 -11.72 -3.52
CA GLY C 42 -15.82 -12.97 -2.82
C GLY C 42 -14.70 -13.98 -2.98
N PHE C 43 -13.60 -13.61 -3.64
CA PHE C 43 -12.48 -14.53 -3.78
C PHE C 43 -11.79 -14.71 -2.44
N GLU C 44 -11.47 -15.96 -2.10
N GLU C 44 -11.59 -15.97 -2.04
CA GLU C 44 -10.73 -16.29 -0.89
CA GLU C 44 -10.95 -16.32 -0.77
C GLU C 44 -9.36 -16.84 -1.27
C GLU C 44 -10.12 -17.58 -1.00
N TYR C 45 -8.31 -16.18 -0.78
N TYR C 45 -8.80 -17.45 -0.89
CA TYR C 45 -6.96 -16.76 -0.83
CA TYR C 45 -7.88 -18.59 -0.93
C TYR C 45 -6.91 -18.01 0.04
C TYR C 45 -7.35 -18.82 0.49
N PRO C 46 -6.37 -19.11 -0.46
N PRO C 46 -7.83 -19.84 1.19
CA PRO C 46 -6.16 -20.32 0.38
CA PRO C 46 -7.45 -20.05 2.62
C PRO C 46 -5.25 -20.10 1.60
C PRO C 46 -5.97 -20.28 2.89
N PRO C 47 -4.21 -19.17 1.58
N PRO C 47 -5.17 -20.97 2.06
CA PRO C 47 -3.45 -18.99 2.83
CA PRO C 47 -3.73 -21.05 2.37
C PRO C 47 -4.11 -18.22 3.97
C PRO C 47 -2.91 -19.81 2.04
N SER C 48 -5.44 -18.07 3.96
N SER C 48 -3.53 -18.68 1.74
CA SER C 48 -6.24 -17.58 5.10
CA SER C 48 -2.83 -17.43 1.47
C SER C 48 -5.94 -16.13 5.46
C SER C 48 -3.74 -16.28 1.90
N LYS C 49 -5.46 -15.37 4.48
N LYS C 49 -3.51 -15.10 1.33
CA LYS C 49 -5.43 -13.90 4.54
CA LYS C 49 -4.32 -13.91 1.61
C LYS C 49 -6.34 -13.45 3.40
C LYS C 49 -5.79 -14.15 1.30
N LEU C 50 -7.53 -14.05 3.37
N LEU C 50 -6.64 -13.94 2.32
CA LEU C 50 -8.30 -14.30 2.15
CA LEU C 50 -8.06 -14.27 2.21
C LEU C 50 -9.10 -13.07 1.71
C LEU C 50 -8.84 -13.25 1.37
N CYS C 51 -8.38 -12.01 1.31
CA CYS C 51 -9.07 -10.93 0.62
C CYS C 51 -8.14 -10.23 -0.35
N PRO C 52 -8.62 -9.88 -1.54
CA PRO C 52 -7.92 -8.86 -2.35
C PRO C 52 -8.06 -7.49 -1.70
N ALA C 53 -7.04 -6.66 -1.93
CA ALA C 53 -7.00 -5.34 -1.29
C ALA C 53 -8.08 -4.42 -1.84
N ALA C 54 -8.50 -3.46 -1.02
CA ALA C 54 -9.52 -2.50 -1.42
C ALA C 54 -9.03 -1.61 -2.56
N ASN C 55 -7.72 -1.31 -2.57
CA ASN C 55 -7.16 -0.52 -3.66
C ASN C 55 -7.22 -1.28 -4.98
N THR C 56 -7.03 -2.61 -4.95
CA THR C 56 -7.11 -3.42 -6.16
C THR C 56 -8.49 -3.36 -6.78
N LEU C 57 -9.52 -3.50 -5.93
CA LEU C 57 -10.91 -3.47 -6.37
C LEU C 57 -11.31 -2.09 -6.88
N ASN C 58 -10.88 -1.02 -6.18
CA ASN C 58 -11.09 0.34 -6.64
C ASN C 58 -10.44 0.60 -8.00
N GLU C 59 -9.20 0.13 -8.17
CA GLU C 59 -8.49 0.34 -9.43
C GLU C 59 -9.12 -0.45 -10.57
N ILE C 60 -9.60 -1.67 -10.31
CA ILE C 60 -10.26 -2.46 -11.36
C ILE C 60 -11.55 -1.78 -11.82
N PHE C 61 -12.36 -1.33 -10.85
CA PHE C 61 -13.58 -0.60 -11.14
C PHE C 61 -13.30 0.67 -11.94
N LEU C 62 -12.26 1.43 -11.54
CA LEU C 62 -11.95 2.69 -12.21
C LEU C 62 -11.41 2.47 -13.62
N ILE C 63 -10.59 1.43 -13.82
CA ILE C 63 -10.05 1.14 -15.15
C ILE C 63 -11.18 0.80 -16.13
N HIS C 64 -12.12 -0.04 -15.69
CA HIS C 64 -13.22 -0.40 -16.59
C HIS C 64 -14.16 0.79 -16.83
N PHE C 65 -14.39 1.61 -15.79
CA PHE C 65 -15.22 2.80 -15.93
C PHE C 65 -14.62 3.81 -16.90
N ILE C 66 -13.32 4.09 -16.73
CA ILE C 66 -12.63 5.08 -17.56
C ILE C 66 -12.52 4.59 -19.00
N THR C 67 -12.30 3.29 -19.20
CA THR C 67 -12.23 2.74 -20.55
C THR C 67 -13.58 2.84 -21.26
N PHE C 68 -14.68 2.58 -20.54
CA PHE C 68 -16.01 2.77 -21.12
C PHE C 68 -16.27 4.23 -21.44
N CYS C 69 -15.90 5.15 -20.55
CA CYS C 69 -16.17 6.56 -20.79
C CYS C 69 -15.34 7.11 -21.94
N GLN C 70 -14.13 6.59 -22.14
CA GLN C 70 -13.29 7.02 -23.25
C GLN C 70 -13.80 6.47 -24.57
N GLU C 71 -14.29 5.22 -24.58
CA GLU C 71 -14.77 4.63 -25.83
C GLU C 71 -16.09 5.25 -26.29
N LYS C 72 -16.83 5.91 -25.39
CA LYS C 72 -18.06 6.61 -25.75
C LYS C 72 -17.84 8.09 -26.02
N GLY C 73 -16.60 8.58 -25.92
CA GLY C 73 -16.29 9.97 -26.19
C GLY C 73 -16.92 10.96 -25.23
N VAL C 74 -17.01 10.60 -23.95
CA VAL C 74 -17.71 11.40 -22.96
C VAL C 74 -16.75 12.03 -21.95
N ASP C 75 -15.45 11.82 -22.12
CA ASP C 75 -14.43 12.37 -21.23
C ASP C 75 -14.30 13.90 -21.31
N GLU C 76 -14.91 14.53 -22.31
CA GLU C 76 -14.92 16.00 -22.37
C GLU C 76 -15.81 16.60 -21.29
N TRP C 77 -16.86 15.89 -20.88
CA TRP C 77 -17.79 16.38 -19.86
C TRP C 77 -17.75 15.56 -18.59
N LEU C 78 -16.70 14.74 -18.40
CA LEU C 78 -16.52 13.98 -17.16
C LEU C 78 -15.04 13.81 -16.87
N THR C 79 -14.67 14.07 -15.62
CA THR C 79 -13.30 13.88 -15.16
C THR C 79 -13.30 12.95 -13.96
N THR C 80 -12.50 11.90 -14.03
CA THR C 80 -12.31 10.98 -12.92
C THR C 80 -10.97 11.30 -12.29
N THR C 81 -10.97 11.62 -11.00
CA THR C 81 -9.73 11.87 -10.27
C THR C 81 -9.61 10.86 -9.15
N LYS C 82 -8.64 9.95 -9.26
CA LYS C 82 -8.38 9.00 -8.20
C LYS C 82 -7.51 9.67 -7.14
N MET C 83 -7.98 9.63 -5.90
CA MET C 83 -7.23 10.26 -4.81
C MET C 83 -5.97 9.47 -4.51
N THR C 84 -4.92 10.20 -4.13
CA THR C 84 -3.71 9.59 -3.61
C THR C 84 -3.97 9.02 -2.21
N LYS C 85 -2.96 8.36 -1.66
CA LYS C 85 -3.06 7.78 -0.31
C LYS C 85 -3.30 8.87 0.73
N HIS C 86 -2.58 9.99 0.60
CA HIS C 86 -2.79 11.13 1.48
C HIS C 86 -4.18 11.73 1.30
N GLN C 87 -4.62 11.89 0.05
CA GLN C 87 -5.93 12.48 -0.21
C GLN C 87 -7.05 11.56 0.23
N ALA C 88 -6.87 10.24 0.06
CA ALA C 88 -7.86 9.29 0.55
C ALA C 88 -7.92 9.30 2.06
N PHE C 89 -6.77 9.50 2.72
CA PHE C 89 -6.78 9.59 4.17
C PHE C 89 -7.47 10.87 4.64
N LEU C 90 -7.16 12.00 4.02
CA LEU C 90 -7.67 13.28 4.49
C LEU C 90 -9.16 13.45 4.19
N PHE C 91 -9.56 13.08 2.97
CA PHE C 91 -10.90 13.44 2.50
C PHE C 91 -11.94 12.37 2.74
N GLY C 92 -11.53 11.16 3.15
CA GLY C 92 -12.49 10.08 3.30
C GLY C 92 -13.11 9.61 2.01
N ALA C 93 -12.51 9.92 0.87
CA ALA C 93 -13.06 9.60 -0.43
C ALA C 93 -12.03 8.81 -1.20
N ASP C 94 -12.49 7.85 -1.98
CA ASP C 94 -11.58 7.03 -2.75
C ASP C 94 -11.37 7.58 -4.16
N TRP C 95 -12.40 8.20 -4.76
CA TRP C 95 -12.19 8.96 -5.99
C TRP C 95 -13.26 10.05 -6.10
N ILE C 96 -13.12 10.90 -7.12
CA ILE C 96 -14.04 12.00 -7.37
C ILE C 96 -14.43 11.99 -8.84
N TRP C 97 -15.74 12.05 -9.11
CA TRP C 97 -16.27 12.25 -10.44
C TRP C 97 -16.74 13.70 -10.58
N THR C 98 -16.13 14.44 -11.49
CA THR C 98 -16.50 15.82 -11.75
C THR C 98 -17.28 15.88 -13.06
N PHE C 99 -18.53 16.38 -12.98
CA PHE C 99 -19.42 16.55 -14.10
C PHE C 99 -19.36 18.00 -14.54
N TRP C 100 -18.85 18.23 -15.76
CA TRP C 100 -18.77 19.54 -16.39
C TRP C 100 -20.00 19.77 -17.28
N GLY C 101 -20.27 21.05 -17.54
CA GLY C 101 -21.34 21.43 -18.43
C GLY C 101 -20.84 21.88 -19.80
N SER C 102 -21.80 22.30 -20.62
CA SER C 102 -21.48 22.80 -21.96
C SER C 102 -20.70 24.10 -21.91
N ASP C 103 -20.93 24.91 -20.87
CA ASP C 103 -20.27 26.19 -20.69
C ASP C 103 -18.96 26.08 -19.93
N LYS C 104 -18.35 24.89 -19.91
CA LYS C 104 -17.05 24.56 -19.31
C LYS C 104 -16.97 24.87 -17.82
N GLN C 105 -18.10 24.88 -17.12
CA GLN C 105 -18.16 25.05 -15.68
C GLN C 105 -18.61 23.75 -15.03
N ILE C 106 -18.21 23.57 -13.77
CA ILE C 106 -18.49 22.34 -13.06
C ILE C 106 -19.95 22.36 -12.60
N LYS C 107 -20.72 21.37 -13.02
CA LYS C 107 -22.10 21.24 -12.59
C LYS C 107 -22.24 20.32 -11.39
N LEU C 108 -21.41 19.29 -11.27
CA LEU C 108 -21.58 18.33 -10.17
C LEU C 108 -20.23 17.75 -9.78
N GLN C 109 -20.14 17.30 -8.53
CA GLN C 109 -18.97 16.55 -8.06
C GLN C 109 -19.43 15.47 -7.09
N LEU C 110 -19.25 14.22 -7.49
CA LEU C 110 -19.54 13.07 -6.63
C LEU C 110 -18.25 12.57 -5.99
N ALA C 111 -18.17 12.61 -4.67
CA ALA C 111 -17.05 12.07 -3.92
C ALA C 111 -17.41 10.65 -3.47
N VAL C 112 -16.76 9.66 -4.06
CA VAL C 112 -17.11 8.26 -3.86
C VAL C 112 -16.12 7.63 -2.88
N GLN C 113 -16.67 7.07 -1.81
CA GLN C 113 -15.98 6.21 -0.87
C GLN C 113 -16.52 4.79 -1.05
N THR C 114 -15.62 3.81 -1.10
CA THR C 114 -16.02 2.42 -1.25
C THR C 114 -15.91 1.67 0.06
N LEU C 115 -16.80 0.72 0.25
CA LEU C 115 -16.83 -0.14 1.43
C LEU C 115 -16.90 -1.59 1.01
N GLN C 116 -16.31 -2.46 1.83
CA GLN C 116 -16.45 -3.90 1.71
C GLN C 116 -17.07 -4.42 2.99
N MET C 117 -18.11 -5.24 2.87
CA MET C 117 -18.77 -5.74 4.06
C MET C 117 -19.02 -7.24 3.96
N SER C 118 -18.03 -7.96 3.45
CA SER C 118 -18.01 -9.43 3.35
C SER C 118 -19.18 -10.00 2.54
N PRO C 133 -4.45 4.78 8.92
CA PRO C 133 -3.29 4.61 8.03
C PRO C 133 -2.76 5.92 7.47
N GLU C 134 -2.28 6.80 8.36
CA GLU C 134 -1.86 8.14 7.95
C GLU C 134 -0.53 8.12 7.18
N SER C 135 0.48 7.46 7.76
CA SER C 135 1.77 7.08 7.20
C SER C 135 2.76 8.23 6.98
N ARG C 136 2.30 9.49 7.03
CA ARG C 136 3.23 10.62 6.98
C ARG C 136 2.88 11.77 7.92
N VAL C 137 1.62 11.91 8.37
CA VAL C 137 1.22 13.03 9.24
C VAL C 137 1.68 12.73 10.66
N GLU C 138 1.94 13.79 11.43
CA GLU C 138 2.25 13.64 12.85
C GLU C 138 0.99 13.31 13.65
N LYS C 144 -10.70 10.30 13.79
CA LYS C 144 -11.87 10.65 13.00
C LYS C 144 -12.14 9.56 11.96
N SER C 145 -13.41 9.17 11.82
CA SER C 145 -13.78 8.12 10.88
C SER C 145 -13.79 8.64 9.45
N ARG C 146 -13.85 7.70 8.50
CA ARG C 146 -13.93 8.07 7.09
C ARG C 146 -15.25 8.75 6.74
N PHE C 147 -16.31 8.40 7.48
CA PHE C 147 -17.61 9.04 7.27
C PHE C 147 -17.54 10.53 7.58
N ASP C 148 -16.98 10.88 8.75
CA ASP C 148 -16.90 12.26 9.18
C ASP C 148 -15.98 13.07 8.29
N LYS C 149 -14.91 12.44 7.80
CA LYS C 149 -14.01 13.11 6.86
C LYS C 149 -14.67 13.36 5.52
N LEU C 150 -15.47 12.39 5.04
CA LEU C 150 -16.23 12.61 3.80
C LEU C 150 -17.28 13.71 3.96
N GLU C 151 -17.95 13.72 5.12
CA GLU C 151 -18.95 14.75 5.39
C GLU C 151 -18.33 16.14 5.48
N GLU C 152 -17.19 16.25 6.16
CA GLU C 152 -16.49 17.53 6.25
C GLU C 152 -15.99 17.97 4.87
N PHE C 153 -15.53 17.02 4.06
CA PHE C 153 -15.09 17.30 2.69
C PHE C 153 -16.24 17.87 1.85
N CYS C 154 -17.40 17.20 1.89
CA CYS C 154 -18.56 17.67 1.13
C CYS C 154 -19.10 19.00 1.67
N ASN C 155 -18.99 19.24 2.98
CA ASN C 155 -19.34 20.55 3.53
C ASN C 155 -18.42 21.64 2.98
N LEU C 156 -17.14 21.35 2.90
CA LEU C 156 -16.15 22.36 2.53
C LEU C 156 -16.14 22.68 1.04
N ILE C 157 -16.41 21.70 0.16
CA ILE C 157 -16.46 22.01 -1.26
C ILE C 157 -17.69 22.83 -1.60
N GLY C 158 -18.85 22.43 -1.09
CA GLY C 158 -20.06 23.21 -1.30
C GLY C 158 -21.25 22.32 -1.57
N GLU C 159 -22.34 22.97 -1.98
CA GLU C 159 -23.64 22.29 -2.12
C GLU C 159 -23.69 21.36 -3.32
N ASP C 160 -22.90 21.63 -4.36
CA ASP C 160 -22.89 20.80 -5.56
C ASP C 160 -21.91 19.64 -5.46
N CYS C 161 -21.40 19.36 -4.26
CA CYS C 161 -20.52 18.23 -4.02
C CYS C 161 -21.26 17.24 -3.13
N LEU C 162 -21.58 16.09 -3.69
CA LEU C 162 -22.33 15.02 -3.04
C LEU C 162 -21.40 13.89 -2.60
N GLY C 163 -21.79 13.22 -1.53
CA GLY C 163 -21.07 12.06 -1.04
C GLY C 163 -21.79 10.79 -1.40
N LEU C 164 -21.04 9.81 -1.89
CA LEU C 164 -21.62 8.56 -2.36
C LEU C 164 -20.80 7.39 -1.83
N PHE C 165 -21.45 6.49 -1.10
CA PHE C 165 -20.84 5.24 -0.66
C PHE C 165 -21.20 4.16 -1.67
N ILE C 166 -20.21 3.39 -2.10
CA ILE C 166 -20.47 2.25 -2.98
C ILE C 166 -19.98 1.01 -2.24
N ILE C 167 -20.89 0.06 -2.02
CA ILE C 167 -20.64 -1.13 -1.22
C ILE C 167 -20.42 -2.30 -2.17
N PHE C 168 -19.24 -2.90 -2.08
CA PHE C 168 -18.89 -4.13 -2.78
C PHE C 168 -19.07 -5.28 -1.80
N GLY C 169 -20.22 -5.95 -1.87
CA GLY C 169 -20.46 -7.11 -1.03
C GLY C 169 -21.11 -6.82 0.31
N MET C 170 -22.02 -7.69 0.70
CA MET C 170 -22.81 -7.67 1.92
C MET C 170 -22.72 -9.01 2.62
N PRO C 171 -23.02 -9.08 3.95
CA PRO C 171 -23.02 -10.39 4.62
C PRO C 171 -24.16 -11.24 4.09
N GLY C 172 -23.81 -12.29 3.36
CA GLY C 172 -24.78 -12.95 2.51
C GLY C 172 -24.85 -12.23 1.18
N LYS C 173 -24.80 -12.99 0.07
CA LYS C 173 -24.53 -12.51 -1.29
C LYS C 173 -23.24 -11.66 -1.34
N PRO C 174 -22.04 -12.25 -1.29
CA PRO C 174 -20.82 -11.43 -1.31
C PRO C 174 -20.56 -10.67 -2.61
N LYS C 175 -21.31 -10.91 -3.68
CA LYS C 175 -21.03 -10.27 -4.97
C LYS C 175 -22.02 -9.16 -5.30
N ASP C 176 -22.78 -8.66 -4.34
CA ASP C 176 -23.75 -7.63 -4.65
C ASP C 176 -23.15 -6.24 -4.45
N ILE C 177 -23.32 -5.39 -5.45
CA ILE C 177 -22.74 -4.05 -5.48
C ILE C 177 -23.90 -3.05 -5.44
N ARG C 178 -23.88 -2.15 -4.47
CA ARG C 178 -24.96 -1.18 -4.40
C ARG C 178 -24.49 0.14 -3.81
N GLY C 179 -25.17 1.22 -4.19
CA GLY C 179 -24.79 2.56 -3.80
C GLY C 179 -25.74 3.16 -2.78
N VAL C 180 -25.23 4.09 -1.97
CA VAL C 180 -25.98 4.81 -0.95
C VAL C 180 -25.53 6.27 -0.95
N VAL C 181 -26.49 7.21 -1.00
CA VAL C 181 -26.19 8.63 -0.87
C VAL C 181 -25.99 8.96 0.61
N LEU C 182 -25.08 9.89 0.90
CA LEU C 182 -24.72 10.23 2.27
C LEU C 182 -25.88 10.87 3.03
N ASP C 183 -26.69 11.69 2.35
CA ASP C 183 -27.73 12.45 3.02
C ASP C 183 -28.86 11.55 3.51
N SER C 184 -29.10 10.43 2.82
CA SER C 184 -30.02 9.41 3.30
C SER C 184 -29.57 8.82 4.62
N VAL C 185 -28.26 8.55 4.72
CA VAL C 185 -27.69 8.06 5.97
C VAL C 185 -27.87 9.10 7.07
N LYS C 186 -27.59 10.38 6.77
CA LYS C 186 -27.73 11.46 7.75
C LYS C 186 -29.16 11.60 8.26
N SER C 187 -30.14 11.46 7.35
CA SER C 187 -31.54 11.42 7.75
C SER C 187 -31.82 10.25 8.69
N GLN C 188 -31.16 9.11 8.49
CA GLN C 188 -31.37 8.02 9.45
C GLN C 188 -30.56 8.19 10.74
N MET C 189 -29.42 8.88 10.70
CA MET C 189 -28.66 9.18 11.93
C MET C 189 -29.40 10.15 12.83
N VAL C 190 -30.26 10.99 12.25
CA VAL C 190 -31.11 11.89 13.05
C VAL C 190 -32.01 11.09 13.98
N ARG C 191 -32.58 9.99 13.49
CA ARG C 191 -33.38 9.10 14.34
C ARG C 191 -32.49 8.23 15.23
N SER C 192 -31.53 7.52 14.64
CA SER C 192 -30.94 6.36 15.30
C SER C 192 -29.87 6.69 16.34
N HIS C 193 -29.24 7.87 16.26
CA HIS C 193 -28.02 8.23 17.01
C HIS C 193 -26.97 7.14 16.76
N LEU C 194 -26.64 6.95 15.51
CA LEU C 194 -25.54 6.03 15.30
C LEU C 194 -24.33 6.77 14.76
N PRO C 195 -23.13 6.30 15.07
CA PRO C 195 -21.95 6.80 14.35
C PRO C 195 -22.03 6.43 12.88
N GLY C 196 -21.34 7.22 12.06
CA GLY C 196 -21.61 7.24 10.63
C GLY C 196 -21.30 5.95 9.90
N GLY C 197 -20.19 5.30 10.26
CA GLY C 197 -19.88 4.01 9.65
C GLY C 197 -20.88 2.92 10.01
N LYS C 198 -21.27 2.86 11.29
CA LYS C 198 -22.29 1.91 11.70
C LYS C 198 -23.65 2.27 11.12
N ALA C 199 -23.90 3.56 10.89
CA ALA C 199 -25.16 3.97 10.28
C ALA C 199 -25.22 3.61 8.79
N VAL C 200 -24.09 3.67 8.08
CA VAL C 200 -24.04 3.21 6.70
C VAL C 200 -24.22 1.69 6.64
N ALA C 201 -23.60 0.97 7.59
CA ALA C 201 -23.78 -0.48 7.66
C ALA C 201 -25.22 -0.86 8.00
N GLN C 202 -25.88 -0.05 8.83
CA GLN C 202 -27.27 -0.30 9.18
C GLN C 202 -28.24 0.12 8.08
N PHE C 203 -27.86 1.11 7.25
CA PHE C 203 -28.75 1.58 6.19
C PHE C 203 -28.98 0.52 5.14
N VAL C 204 -27.90 -0.07 4.63
CA VAL C 204 -28.03 -1.30 3.87
C VAL C 204 -28.45 -2.44 4.81
N LEU C 205 -28.94 -3.54 4.20
CA LEU C 205 -29.56 -4.69 4.87
C LEU C 205 -30.74 -4.31 5.78
N GLU C 206 -31.30 -3.10 5.64
CA GLU C 206 -32.53 -2.70 6.30
C GLU C 206 -33.43 -2.01 5.28
N THR C 207 -32.82 -1.35 4.30
CA THR C 207 -33.55 -0.60 3.29
C THR C 207 -33.92 -1.55 2.15
N GLU C 208 -35.22 -1.71 1.90
CA GLU C 208 -35.64 -2.53 0.77
C GLU C 208 -35.84 -1.70 -0.49
N ASP C 209 -36.28 -0.45 -0.31
CA ASP C 209 -36.55 0.45 -1.44
C ASP C 209 -35.28 0.73 -2.23
N CYS C 210 -35.38 0.69 -3.56
CA CYS C 210 -34.22 0.90 -4.41
C CYS C 210 -34.57 1.86 -5.54
N VAL C 211 -33.54 2.56 -6.01
CA VAL C 211 -33.64 3.48 -7.16
C VAL C 211 -32.46 3.18 -8.07
N PHE C 212 -32.73 3.11 -9.37
CA PHE C 212 -31.72 2.74 -10.37
C PHE C 212 -30.70 3.87 -10.51
N ILE C 213 -29.49 3.52 -10.96
CA ILE C 213 -28.42 4.51 -11.06
C ILE C 213 -28.70 5.52 -12.18
N LYS C 214 -29.38 5.08 -13.25
CA LYS C 214 -29.76 6.02 -14.31
C LYS C 214 -30.85 6.99 -13.84
N GLU C 215 -31.74 6.54 -12.95
CA GLU C 215 -32.77 7.43 -12.44
C GLU C 215 -32.20 8.44 -11.45
N LEU C 216 -31.22 8.01 -10.65
CA LEU C 216 -30.51 8.92 -9.77
C LEU C 216 -29.72 9.96 -10.56
N LEU C 217 -29.03 9.53 -11.60
CA LEU C 217 -28.20 10.41 -12.40
C LEU C 217 -28.96 11.06 -13.56
N ARG C 218 -30.29 10.97 -13.58
CA ARG C 218 -31.04 11.56 -14.68
C ARG C 218 -30.97 13.10 -14.66
N ASN C 219 -31.15 13.72 -13.49
CA ASN C 219 -31.13 15.18 -13.41
C ASN C 219 -29.73 15.74 -13.67
N CYS C 220 -28.84 15.64 -12.68
CA CYS C 220 -27.38 15.66 -12.77
C CYS C 220 -26.72 16.95 -13.28
N LEU C 221 -27.44 17.74 -14.08
CA LEU C 221 -26.84 18.91 -14.72
C LEU C 221 -27.74 20.14 -14.64
N SER C 222 -29.05 19.92 -14.79
CA SER C 222 -29.96 21.01 -15.09
C SER C 222 -30.56 21.66 -13.85
N LYS C 223 -30.70 20.92 -12.74
CA LYS C 223 -31.24 21.48 -11.51
C LYS C 223 -30.40 21.03 -10.34
N LYS C 224 -30.21 21.93 -9.37
CA LYS C 224 -29.20 21.73 -8.34
C LYS C 224 -29.63 20.70 -7.30
N ASP C 225 -30.93 20.49 -7.10
CA ASP C 225 -31.35 19.55 -6.07
C ASP C 225 -31.10 18.14 -6.58
N GLY C 226 -29.93 17.62 -6.21
CA GLY C 226 -29.60 16.22 -6.35
C GLY C 226 -29.15 15.67 -5.01
N LEU C 227 -29.62 16.27 -3.92
CA LEU C 227 -29.10 16.00 -2.58
C LEU C 227 -30.15 15.39 -1.63
N ARG C 228 -31.29 16.07 -1.41
CA ARG C 228 -32.25 15.68 -0.36
C ARG C 228 -33.48 14.94 -0.88
N GLU C 229 -33.49 14.50 -2.13
CA GLU C 229 -34.69 13.97 -2.76
C GLU C 229 -34.71 12.46 -2.70
N VAL C 230 -33.53 11.88 -2.54
CA VAL C 230 -33.33 10.45 -2.69
C VAL C 230 -34.06 9.67 -1.59
N GLY C 231 -34.03 10.19 -0.37
CA GLY C 231 -34.78 9.60 0.73
C GLY C 231 -34.22 8.25 1.13
N LYS C 232 -35.06 7.47 1.82
CA LYS C 232 -34.67 6.14 2.31
C LYS C 232 -34.85 5.17 1.15
N VAL C 233 -33.86 5.18 0.24
CA VAL C 233 -33.69 4.17 -0.79
C VAL C 233 -32.20 3.89 -0.89
N TYR C 234 -31.85 2.76 -1.47
CA TYR C 234 -30.47 2.53 -1.89
C TYR C 234 -30.40 2.64 -3.41
N ILE C 235 -29.21 2.54 -3.95
CA ILE C 235 -28.99 2.70 -5.38
C ILE C 235 -28.65 1.33 -5.96
N SER C 236 -29.47 0.86 -6.88
CA SER C 236 -29.27 -0.40 -7.56
C SER C 236 -28.37 -0.19 -8.78
N ILE C 237 -27.42 -1.10 -8.96
CA ILE C 237 -26.51 -1.02 -10.11
C ILE C 237 -26.61 -2.29 -10.96
N ASN D 20 12.79 10.53 14.65
CA ASN D 20 14.02 11.12 15.18
C ASN D 20 14.36 12.43 14.45
N PHE D 21 13.61 13.48 14.77
CA PHE D 21 13.81 14.80 14.21
C PHE D 21 13.73 15.83 15.32
N ASP D 22 14.40 16.97 15.12
CA ASP D 22 14.31 18.03 16.11
C ASP D 22 13.14 18.96 15.84
N TYR D 23 12.91 19.33 14.58
CA TYR D 23 11.86 20.28 14.21
C TYR D 23 11.02 19.72 13.07
N MET D 24 9.73 20.09 13.09
CA MET D 24 8.79 19.74 12.03
C MET D 24 8.04 21.01 11.64
N PHE D 25 8.26 21.48 10.42
CA PHE D 25 7.70 22.73 9.93
C PHE D 25 6.62 22.46 8.90
N LYS D 26 5.45 23.06 9.12
CA LYS D 26 4.36 23.01 8.15
C LYS D 26 4.47 24.20 7.19
N LEU D 27 4.60 23.89 5.90
CA LEU D 27 4.65 24.91 4.86
C LEU D 27 3.49 24.69 3.91
N LEU D 28 3.03 25.78 3.32
CA LEU D 28 1.88 25.75 2.43
C LEU D 28 2.24 26.49 1.16
N ILE D 29 2.02 25.87 0.00
CA ILE D 29 2.22 26.52 -1.28
C ILE D 29 0.85 26.92 -1.82
N ILE D 30 0.63 28.25 -1.93
CA ILE D 30 -0.63 28.83 -2.35
C ILE D 30 -0.39 29.82 -3.47
N GLY D 31 -1.48 30.15 -4.16
CA GLY D 31 -1.44 31.02 -5.33
C GLY D 31 -2.42 30.55 -6.39
N ASN D 32 -2.51 31.29 -7.50
CA ASN D 32 -3.52 31.05 -8.51
C ASN D 32 -3.28 29.75 -9.25
N SER D 33 -4.34 29.26 -9.90
CA SER D 33 -4.23 28.06 -10.72
C SER D 33 -3.31 28.34 -11.92
N SER D 34 -2.52 27.31 -12.27
CA SER D 34 -1.51 27.23 -13.34
C SER D 34 -0.23 28.00 -13.07
N VAL D 35 -0.02 28.53 -11.87
CA VAL D 35 1.26 29.21 -11.63
C VAL D 35 2.40 28.21 -11.41
N GLY D 36 2.08 26.95 -11.09
CA GLY D 36 3.11 25.96 -10.94
C GLY D 36 3.41 25.57 -9.51
N LYS D 37 2.39 25.48 -8.63
CA LYS D 37 2.62 25.10 -7.24
C LYS D 37 2.96 23.61 -7.13
N THR D 38 2.11 22.77 -7.70
CA THR D 38 2.54 21.45 -8.12
C THR D 38 3.60 21.60 -9.18
N SER D 39 4.54 20.67 -9.19
CA SER D 39 5.80 20.59 -9.94
C SER D 39 6.85 21.55 -9.38
N PHE D 40 6.46 22.56 -8.60
CA PHE D 40 7.41 23.19 -7.70
C PHE D 40 7.68 22.29 -6.52
N LEU D 41 6.60 21.74 -5.93
CA LEU D 41 6.78 20.74 -4.88
C LEU D 41 7.47 19.49 -5.42
N PHE D 42 7.11 19.07 -6.64
CA PHE D 42 7.68 17.86 -7.21
C PHE D 42 9.15 18.06 -7.59
N ARG D 43 9.53 19.26 -8.04
CA ARG D 43 10.94 19.56 -8.26
C ARG D 43 11.72 19.58 -6.95
N TYR D 44 11.15 20.16 -5.90
CA TYR D 44 11.87 20.20 -4.63
C TYR D 44 11.99 18.82 -4.01
N ALA D 45 10.94 18.01 -4.10
CA ALA D 45 10.89 16.74 -3.39
C ALA D 45 11.55 15.61 -4.18
N ASP D 46 11.20 15.48 -5.45
CA ASP D 46 11.60 14.34 -6.28
C ASP D 46 12.65 14.66 -7.34
N ASP D 47 13.04 15.93 -7.50
CA ASP D 47 14.01 16.40 -8.50
C ASP D 47 13.63 16.01 -9.92
N THR D 48 12.37 16.25 -10.28
CA THR D 48 11.88 15.91 -11.61
C THR D 48 10.86 16.94 -12.06
N PHE D 49 10.51 16.87 -13.34
CA PHE D 49 9.52 17.76 -13.94
C PHE D 49 8.86 17.05 -15.11
N THR D 50 7.54 17.18 -15.21
CA THR D 50 6.78 16.77 -16.37
C THR D 50 5.92 17.93 -16.83
N PRO D 51 5.57 17.98 -18.14
CA PRO D 51 4.65 19.03 -18.62
C PRO D 51 3.17 18.74 -18.39
N ALA D 52 2.89 17.87 -17.40
CA ALA D 52 1.63 17.15 -17.22
C ALA D 52 0.40 18.05 -17.16
N PHE D 53 0.37 18.99 -16.20
CA PHE D 53 -0.80 19.80 -15.83
C PHE D 53 -1.99 18.90 -15.46
N VAL D 54 -1.84 18.26 -14.31
CA VAL D 54 -2.93 17.48 -13.73
C VAL D 54 -4.00 18.34 -13.06
N SER D 55 -3.65 19.57 -12.62
CA SER D 55 -4.55 20.51 -11.94
C SER D 55 -5.17 19.95 -10.65
N THR D 56 -4.37 19.96 -9.57
CA THR D 56 -4.71 19.50 -8.23
C THR D 56 -6.11 19.88 -7.78
N VAL D 57 -6.86 18.87 -7.31
CA VAL D 57 -8.15 19.09 -6.67
C VAL D 57 -7.92 19.01 -5.16
N GLY D 58 -8.66 19.83 -4.41
CA GLY D 58 -8.55 19.89 -2.98
C GLY D 58 -7.18 20.36 -2.48
N ILE D 59 -6.42 19.43 -1.90
CA ILE D 59 -5.12 19.72 -1.36
C ILE D 59 -4.34 18.41 -1.34
N ASP D 60 -3.00 18.52 -1.28
CA ASP D 60 -2.17 17.35 -1.06
C ASP D 60 -0.93 17.81 -0.30
N PHE D 61 -0.07 16.87 0.09
CA PHE D 61 1.15 17.22 0.80
C PHE D 61 2.23 16.17 0.57
N LYS D 62 3.47 16.60 0.79
CA LYS D 62 4.65 15.74 0.77
C LYS D 62 5.52 16.08 1.96
N VAL D 63 6.41 15.14 2.31
CA VAL D 63 7.32 15.30 3.45
C VAL D 63 8.75 15.19 2.95
N LYS D 64 9.57 16.17 3.29
CA LYS D 64 10.98 16.17 2.92
C LYS D 64 11.83 16.48 4.14
N THR D 65 12.90 15.71 4.32
CA THR D 65 13.84 15.94 5.41
C THR D 65 15.06 16.67 4.89
N VAL D 66 15.48 17.71 5.59
CA VAL D 66 16.64 18.51 5.24
C VAL D 66 17.55 18.61 6.45
N TYR D 67 18.82 18.87 6.17
CA TYR D 67 19.87 18.92 7.19
C TYR D 67 20.52 20.30 7.14
N ARG D 68 20.03 21.20 7.98
CA ARG D 68 20.62 22.53 8.11
C ARG D 68 20.94 22.78 9.57
N HIS D 69 22.18 23.24 9.83
CA HIS D 69 22.75 23.46 11.17
C HIS D 69 22.63 22.23 12.05
N GLU D 70 22.95 21.06 11.47
CA GLU D 70 22.83 19.70 12.00
C GLU D 70 21.56 19.44 12.80
N LYS D 71 20.41 19.90 12.28
CA LYS D 71 19.16 19.86 13.05
C LYS D 71 18.20 18.76 12.63
N ARG D 72 18.29 18.25 11.40
CA ARG D 72 17.39 17.23 10.84
C ARG D 72 15.93 17.70 10.86
N VAL D 73 15.68 18.75 10.09
CA VAL D 73 14.35 19.35 10.03
C VAL D 73 13.47 18.57 9.06
N LYS D 74 12.22 18.35 9.46
CA LYS D 74 11.22 17.68 8.63
C LYS D 74 10.18 18.69 8.15
N LEU D 75 10.03 18.82 6.84
CA LEU D 75 9.10 19.76 6.24
C LEU D 75 7.87 19.02 5.72
N GLN D 76 6.71 19.43 6.20
CA GLN D 76 5.42 18.96 5.69
C GLN D 76 4.90 20.06 4.76
N ILE D 77 5.07 19.86 3.46
CA ILE D 77 4.76 20.86 2.45
C ILE D 77 3.43 20.51 1.82
N TRP D 78 2.45 21.40 1.96
CA TRP D 78 1.09 21.19 1.45
C TRP D 78 0.90 22.00 0.18
N ASP D 79 0.62 21.32 -0.92
CA ASP D 79 0.32 21.92 -2.22
C ASP D 79 -1.18 22.17 -2.27
N THR D 80 -1.59 23.43 -2.45
CA THR D 80 -3.01 23.73 -2.51
C THR D 80 -3.50 23.80 -3.95
N ALA D 81 -4.82 23.73 -4.09
CA ALA D 81 -5.48 23.99 -5.36
C ALA D 81 -5.75 25.48 -5.51
N GLY D 82 -5.49 26.02 -6.69
CA GLY D 82 -5.67 27.43 -6.97
C GLY D 82 -7.02 27.82 -7.50
N GLN D 83 -7.84 26.84 -7.90
CA GLN D 83 -9.18 27.12 -8.37
C GLN D 83 -10.04 27.66 -7.23
N GLU D 84 -11.01 28.50 -7.60
CA GLU D 84 -11.81 29.23 -6.61
C GLU D 84 -12.69 28.29 -5.79
N ARG D 85 -13.19 27.21 -6.40
CA ARG D 85 -14.14 26.33 -5.74
C ARG D 85 -13.52 25.55 -4.57
N TYR D 86 -12.19 25.47 -4.50
CA TYR D 86 -11.51 24.84 -3.38
C TYR D 86 -10.98 25.86 -2.37
N ARG D 87 -11.28 27.15 -2.58
CA ARG D 87 -10.73 28.22 -1.75
C ARG D 87 -11.12 28.07 -0.29
N THR D 88 -12.32 27.54 -0.02
CA THR D 88 -12.71 27.24 1.35
C THR D 88 -11.84 26.14 1.94
N ILE D 89 -11.73 24.99 1.25
CA ILE D 89 -11.18 23.79 1.90
C ILE D 89 -9.68 23.96 2.13
N THR D 90 -8.99 24.59 1.17
CA THR D 90 -7.57 24.90 1.34
C THR D 90 -7.34 25.84 2.51
N THR D 91 -8.24 26.81 2.71
CA THR D 91 -8.07 27.71 3.85
C THR D 91 -8.32 27.01 5.18
N ALA D 92 -9.06 25.89 5.17
CA ALA D 92 -9.19 25.13 6.40
C ALA D 92 -7.89 24.46 6.82
N TYR D 93 -6.92 24.33 5.89
CA TYR D 93 -5.65 23.71 6.22
C TYR D 93 -4.55 24.71 6.51
N TYR D 94 -4.89 26.00 6.63
CA TYR D 94 -3.92 27.03 7.00
C TYR D 94 -3.49 26.92 8.45
N ARG D 95 -4.19 26.13 9.27
CA ARG D 95 -3.90 26.02 10.69
C ARG D 95 -2.59 25.28 10.92
N GLY D 96 -1.77 25.83 11.82
CA GLY D 96 -0.49 25.25 12.14
C GLY D 96 0.60 25.53 11.13
N ALA D 97 0.30 26.32 10.09
CA ALA D 97 1.31 26.61 9.09
C ALA D 97 2.32 27.60 9.64
N MET D 98 3.59 27.22 9.59
CA MET D 98 4.66 28.13 9.93
C MET D 98 5.25 28.82 8.72
N GLY D 99 4.95 28.33 7.51
CA GLY D 99 5.53 28.93 6.32
C GLY D 99 4.57 28.92 5.14
N PHE D 100 4.71 29.93 4.29
CA PHE D 100 3.88 30.07 3.09
C PHE D 100 4.77 30.43 1.91
N ILE D 101 4.54 29.76 0.78
CA ILE D 101 5.09 30.11 -0.51
C ILE D 101 3.94 30.67 -1.32
N LEU D 102 3.90 32.00 -1.45
CA LEU D 102 2.94 32.69 -2.31
C LEU D 102 3.54 32.72 -3.71
N MET D 103 2.93 32.00 -4.64
CA MET D 103 3.45 31.85 -5.99
C MET D 103 2.57 32.56 -7.00
N TYR D 104 3.20 33.30 -7.89
CA TYR D 104 2.56 33.79 -9.10
C TYR D 104 3.34 33.28 -10.31
N ASP D 105 2.90 33.72 -11.48
CA ASP D 105 3.47 33.36 -12.76
C ASP D 105 3.91 34.62 -13.49
N ILE D 106 5.17 34.64 -13.95
CA ILE D 106 5.67 35.82 -14.63
C ILE D 106 5.14 35.98 -16.05
N THR D 107 4.49 34.95 -16.60
CA THR D 107 3.87 35.04 -17.92
C THR D 107 2.39 35.40 -17.83
N ASN D 108 1.84 35.55 -16.62
CA ASN D 108 0.42 35.76 -16.39
C ASN D 108 0.22 36.92 -15.43
N GLU D 109 -0.30 38.05 -15.93
CA GLU D 109 -0.47 39.23 -15.08
C GLU D 109 -1.57 39.03 -14.05
N GLU D 110 -2.61 38.27 -14.40
CA GLU D 110 -3.72 38.01 -13.49
C GLU D 110 -3.26 37.26 -12.23
N SER D 111 -2.27 36.38 -12.38
CA SER D 111 -1.67 35.73 -11.22
C SER D 111 -0.93 36.72 -10.34
N PHE D 112 -0.34 37.76 -10.93
CA PHE D 112 0.33 38.76 -10.11
C PHE D 112 -0.66 39.73 -9.47
N ASN D 113 -1.83 39.89 -10.08
CA ASN D 113 -2.87 40.75 -9.50
C ASN D 113 -3.37 40.19 -8.18
N ALA D 114 -3.45 38.87 -8.08
CA ALA D 114 -4.05 38.20 -6.94
C ALA D 114 -3.14 38.17 -5.72
N VAL D 115 -1.88 38.63 -5.85
CA VAL D 115 -0.88 38.46 -4.80
C VAL D 115 -1.28 39.21 -3.52
N GLN D 116 -1.83 40.41 -3.67
CA GLN D 116 -2.36 41.13 -2.52
C GLN D 116 -3.55 40.40 -1.89
N ASP D 117 -4.43 39.82 -2.72
CA ASP D 117 -5.55 39.05 -2.21
C ASP D 117 -5.08 37.80 -1.47
N TRP D 118 -4.05 37.12 -2.00
CA TRP D 118 -3.50 35.94 -1.32
C TRP D 118 -2.81 36.32 -0.01
N ALA D 119 -2.12 37.45 0.02
CA ALA D 119 -1.50 37.92 1.25
C ALA D 119 -2.55 38.28 2.30
N THR D 120 -3.68 38.86 1.85
CA THR D 120 -4.80 39.11 2.75
C THR D 120 -5.40 37.79 3.27
N GLN D 121 -5.50 36.79 2.40
CA GLN D 121 -5.96 35.46 2.83
C GLN D 121 -5.03 34.86 3.88
N ILE D 122 -3.72 35.04 3.69
CA ILE D 122 -2.74 34.58 4.67
C ILE D 122 -2.94 35.31 5.99
N LYS D 123 -3.10 36.64 5.95
CA LYS D 123 -3.24 37.40 7.20
C LYS D 123 -4.58 37.12 7.90
N THR D 124 -5.63 36.82 7.14
CA THR D 124 -6.93 36.53 7.73
C THR D 124 -6.93 35.16 8.42
N TYR D 125 -6.37 34.14 7.78
CA TYR D 125 -6.41 32.78 8.31
C TYR D 125 -5.06 32.36 8.90
N SER D 126 -4.43 33.26 9.68
CA SER D 126 -2.96 33.31 9.82
C SER D 126 -2.39 32.11 10.55
N TRP D 127 -2.74 31.94 11.82
CA TRP D 127 -2.30 30.84 12.67
C TRP D 127 -0.78 30.75 12.85
N ASP D 128 -0.28 31.55 13.82
CA ASP D 128 1.06 31.55 14.42
C ASP D 128 2.02 32.47 13.63
N ASN D 129 1.45 33.33 12.76
CA ASN D 129 2.16 34.44 12.11
C ASN D 129 3.33 33.91 11.27
N ALA D 130 2.94 33.24 10.19
CA ALA D 130 3.88 32.51 9.36
C ALA D 130 4.76 33.45 8.54
N GLN D 131 5.96 32.98 8.21
CA GLN D 131 6.79 33.63 7.21
C GLN D 131 6.23 33.38 5.83
N VAL D 132 6.37 34.36 4.94
CA VAL D 132 5.88 34.28 3.58
C VAL D 132 7.02 34.57 2.62
N ILE D 133 7.17 33.74 1.59
CA ILE D 133 8.11 33.96 0.50
C ILE D 133 7.30 34.18 -0.78
N LEU D 134 7.61 35.24 -1.50
CA LEU D 134 6.96 35.55 -2.77
C LEU D 134 7.81 35.01 -3.91
N VAL D 135 7.24 34.09 -4.69
CA VAL D 135 7.95 33.40 -5.75
C VAL D 135 7.22 33.67 -7.06
N GLY D 136 7.94 34.22 -8.03
CA GLY D 136 7.45 34.29 -9.40
C GLY D 136 8.00 33.11 -10.19
N ASN D 137 7.15 32.12 -10.47
CA ASN D 137 7.56 30.92 -11.18
C ASN D 137 7.68 31.20 -12.68
N LYS D 138 8.24 30.22 -13.39
CA LYS D 138 8.37 30.17 -14.85
C LYS D 138 9.29 31.27 -15.36
N CYS D 139 10.38 31.52 -14.65
CA CYS D 139 11.35 32.51 -15.12
C CYS D 139 12.19 32.01 -16.29
N ASP D 140 12.07 30.73 -16.66
CA ASP D 140 12.65 30.24 -17.91
C ASP D 140 11.93 30.78 -19.14
N MET D 141 10.68 31.22 -19.00
CA MET D 141 9.91 31.76 -20.12
C MET D 141 10.10 33.28 -20.21
N GLU D 142 11.35 33.68 -20.48
CA GLU D 142 11.69 35.10 -20.55
C GLU D 142 11.03 35.79 -21.73
N GLU D 143 10.87 35.05 -22.84
CA GLU D 143 10.22 35.58 -24.04
C GLU D 143 8.76 35.93 -23.80
N GLU D 144 8.10 35.21 -22.90
CA GLU D 144 6.69 35.43 -22.57
C GLU D 144 6.51 36.20 -21.27
N ARG D 145 7.55 36.89 -20.79
CA ARG D 145 7.47 37.60 -19.51
C ARG D 145 6.51 38.79 -19.61
N VAL D 146 5.66 38.94 -18.60
CA VAL D 146 4.66 39.99 -18.59
C VAL D 146 4.85 40.85 -17.35
N VAL D 147 5.33 40.26 -16.27
CA VAL D 147 5.57 40.95 -15.01
C VAL D 147 7.08 41.14 -14.86
N PRO D 148 7.58 42.37 -14.81
CA PRO D 148 9.01 42.59 -14.60
C PRO D 148 9.43 42.17 -13.19
N THR D 149 10.72 41.86 -13.06
CA THR D 149 11.30 41.46 -11.78
C THR D 149 11.24 42.58 -10.76
N GLU D 150 11.41 43.83 -11.21
CA GLU D 150 11.39 44.98 -10.31
C GLU D 150 10.03 45.16 -9.65
N LYS D 151 8.95 44.85 -10.39
CA LYS D 151 7.61 44.97 -9.84
C LYS D 151 7.37 43.97 -8.71
N GLY D 152 7.78 42.72 -8.92
CA GLY D 152 7.66 41.71 -7.88
C GLY D 152 8.54 42.03 -6.67
N GLN D 153 9.74 42.57 -6.92
CA GLN D 153 10.62 43.00 -5.83
C GLN D 153 9.99 44.13 -5.01
N LEU D 154 9.36 45.09 -5.69
CA LEU D 154 8.73 46.20 -4.99
C LEU D 154 7.54 45.74 -4.16
N LEU D 155 6.72 44.83 -4.71
CA LEU D 155 5.57 44.32 -3.96
C LEU D 155 6.02 43.47 -2.77
N ALA D 156 7.09 42.70 -2.94
CA ALA D 156 7.66 41.93 -1.82
C ALA D 156 8.26 42.85 -0.75
N GLU D 157 8.89 43.96 -1.18
CA GLU D 157 9.43 44.94 -0.25
C GLU D 157 8.33 45.60 0.57
N GLN D 158 7.22 45.95 -0.07
CA GLN D 158 6.14 46.59 0.66
C GLN D 158 5.32 45.61 1.49
N LEU D 159 5.30 44.33 1.13
CA LEU D 159 4.58 43.35 1.94
C LEU D 159 5.45 42.70 3.00
N GLY D 160 6.76 42.96 3.00
CA GLY D 160 7.65 42.38 3.98
C GLY D 160 8.13 40.98 3.67
N PHE D 161 8.01 40.54 2.42
CA PHE D 161 8.35 39.18 2.04
C PHE D 161 9.69 39.15 1.31
N ASP D 162 10.41 38.06 1.47
CA ASP D 162 11.54 37.81 0.59
C ASP D 162 11.03 37.40 -0.79
N PHE D 163 11.84 37.66 -1.81
CA PHE D 163 11.42 37.50 -3.20
C PHE D 163 12.37 36.58 -3.94
N PHE D 164 11.80 35.73 -4.80
CA PHE D 164 12.58 34.89 -5.68
C PHE D 164 11.84 34.76 -7.01
N GLU D 165 12.62 34.73 -8.10
CA GLU D 165 12.13 34.32 -9.39
C GLU D 165 12.67 32.93 -9.66
N ALA D 166 11.78 32.00 -9.93
CA ALA D 166 12.14 30.59 -9.93
C ALA D 166 11.62 29.93 -11.20
N SER D 167 12.08 28.69 -11.40
CA SER D 167 11.60 27.85 -12.48
C SER D 167 11.55 26.41 -11.98
N ALA D 168 10.35 25.87 -11.83
CA ALA D 168 10.20 24.46 -11.50
C ALA D 168 10.67 23.56 -12.64
N LYS D 169 10.55 24.03 -13.88
CA LYS D 169 10.94 23.25 -15.05
C LYS D 169 12.46 23.09 -15.13
N GLU D 170 13.20 24.16 -14.88
CA GLU D 170 14.65 24.17 -15.04
C GLU D 170 15.43 24.14 -13.74
N ASN D 171 14.74 24.00 -12.59
CA ASN D 171 15.33 23.92 -11.25
C ASN D 171 16.24 25.12 -10.96
N ILE D 172 15.67 26.33 -11.11
CA ILE D 172 16.36 27.57 -10.75
C ILE D 172 15.66 28.17 -9.54
N SER D 173 16.42 28.43 -8.47
CA SER D 173 15.97 29.08 -7.23
C SER D 173 14.82 28.35 -6.54
N VAL D 174 14.67 27.05 -6.78
CA VAL D 174 13.62 26.28 -6.13
C VAL D 174 14.07 25.85 -4.74
N ARG D 175 15.25 25.25 -4.66
CA ARG D 175 15.83 24.86 -3.37
C ARG D 175 16.10 26.07 -2.49
N GLN D 176 16.59 27.16 -3.10
CA GLN D 176 16.96 28.37 -2.36
C GLN D 176 15.75 29.06 -1.73
N ALA D 177 14.58 28.97 -2.36
CA ALA D 177 13.37 29.56 -1.79
C ALA D 177 12.93 28.82 -0.54
N PHE D 178 12.92 27.49 -0.60
CA PHE D 178 12.59 26.68 0.57
C PHE D 178 13.61 26.88 1.69
N GLU D 179 14.89 26.97 1.33
CA GLU D 179 15.93 27.21 2.33
C GLU D 179 15.75 28.56 3.01
N ARG D 180 15.42 29.60 2.25
CA ARG D 180 15.21 30.92 2.83
C ARG D 180 13.98 30.93 3.74
N LEU D 181 12.91 30.22 3.36
CA LEU D 181 11.73 30.12 4.20
C LEU D 181 12.02 29.40 5.52
N VAL D 182 12.74 28.26 5.45
CA VAL D 182 13.12 27.52 6.65
C VAL D 182 14.06 28.35 7.53
N ASP D 183 14.96 29.10 6.91
CA ASP D 183 15.88 29.97 7.65
C ASP D 183 15.14 31.09 8.38
N ALA D 184 14.13 31.68 7.73
CA ALA D 184 13.32 32.71 8.39
C ALA D 184 12.53 32.13 9.56
N ILE D 185 11.97 30.92 9.37
CA ILE D 185 11.23 30.26 10.44
C ILE D 185 12.14 29.97 11.63
N CYS D 186 13.36 29.48 11.37
CA CYS D 186 14.34 29.22 12.43
C CYS D 186 14.81 30.51 13.10
N ASP D 187 14.97 31.58 12.32
CA ASP D 187 15.40 32.86 12.87
C ASP D 187 14.32 33.54 13.70
N LYS D 188 13.07 33.10 13.57
CA LYS D 188 12.03 33.58 14.47
C LYS D 188 11.86 32.70 15.72
N MET D 189 12.87 31.92 16.07
CA MET D 189 12.86 31.12 17.30
C MET D 189 14.10 31.36 18.15
#